data_7V74
#
_entry.id   7V74
#
_cell.length_a   1.00
_cell.length_b   1.00
_cell.length_c   1.00
_cell.angle_alpha   90.00
_cell.angle_beta   90.00
_cell.angle_gamma   90.00
#
_symmetry.space_group_name_H-M   'P 1'
#
loop_
_entity.id
_entity.type
_entity.pdbx_description
1 polymer prestin
2 non-polymer 'SULFATE ION'
3 non-polymer CHOLESTEROL
4 non-polymer 1-palmitoyl-2-oleoyl-sn-glycero-3-phosphocholine
#
_entity_poly.entity_id   1
_entity_poly.type   'polypeptide(L)'
_entity_poly.pdbx_seq_one_letter_code
;MDHAEENEILAATQRYVVERPVYSQELLEEELEKKDRVPKTLGDKLKKSFRCSPKKAKNLLLSFFPILEWLPKYNLKEWL
LGDLIAGLTVGSLQIPQGIAFALLAGLPPIYGLYSSFFPPLIYAFFGTSRHISVGPFAVVSLLVGSVVERLVPDDIVLPG
GVNATNGTEARDALRVQVAFTLTFLAGIIQLALGLLRLGFLVDFLSEPLISGFTTGAAIHILLSQLKYLLGLKIPRHSGP
FSVIYSVISVFHNIPNTNIATLGVSLLSFVLLLVVKELNKRFKKKLPVPIPAELIVVILATLISYYFNLAEKYGVSIVGH
IPKGLPPPSVPDLSLFPLVIGDAIAIAIVGLAVSISVGKTFAKKHGYQIDGNQELIALGLMNIVGSFFSCYPATGSFSRS
AVNESAGGKTQVAGIVAALVVLLVLLFLGPLFYYLPKAVLAAIIIVNLKGLLMQFKDAPKLWKVDKLDFLIWLVTFLGVV
FLSVEIGLLVGVGFSLLTVLLRTQRPRTSVLGRIPGTDIYRDVKQYPEAEEVPGVKIFRIDSPIYFANSEYFKERLKRKT
GVDPVKVLAARKKALKKIEKEIKKANLANKTVVKADAEVDGEDATKPEEEDGEVKYPPIVIQSDWPSELPRFVPPKVDFH
TLILDFSAVSFVDTVGVKTLKEIVKEYREIGVQVYLAGCNASVVEKLERGGFFDDGITKEHLFLSVHDAVLFAQARKALA
EQEASAPPSQEDLEPNATPATPEAGTENLYFQG
;
_entity_poly.pdbx_strand_id   A
#
loop_
_chem_comp.id
_chem_comp.type
_chem_comp.name
_chem_comp.formula
CLR non-polymer CHOLESTEROL 'C27 H46 O'
LBN non-polymer 1-palmitoyl-2-oleoyl-sn-glycero-3-phosphocholine 'C42 H82 N O8 P'
SO4 non-polymer 'SULFATE ION' 'O4 S -2'
#
# COMPACT_ATOMS: atom_id res chain seq x y z
N LYS A 58 -16.84 -18.38 -23.06
CA LYS A 58 -16.14 -19.43 -22.26
C LYS A 58 -15.87 -18.91 -20.84
N ASN A 59 -15.23 -19.75 -20.00
CA ASN A 59 -14.87 -19.43 -18.62
C ASN A 59 -13.95 -18.20 -18.54
N LEU A 60 -13.07 -18.03 -19.56
CA LEU A 60 -12.22 -16.85 -19.75
C LEU A 60 -13.04 -15.55 -19.88
N LEU A 61 -14.06 -15.54 -20.75
CA LEU A 61 -14.89 -14.36 -21.01
C LEU A 61 -15.70 -13.99 -19.76
N LEU A 62 -16.23 -14.99 -19.04
CA LEU A 62 -16.99 -14.79 -17.80
C LEU A 62 -16.09 -14.35 -16.63
N SER A 63 -14.79 -14.73 -16.64
CA SER A 63 -13.80 -14.34 -15.64
C SER A 63 -13.17 -12.97 -15.95
N PHE A 64 -13.13 -12.61 -17.25
CA PHE A 64 -12.66 -11.31 -17.73
C PHE A 64 -13.80 -10.28 -17.80
N PHE A 65 -15.06 -10.70 -17.52
CA PHE A 65 -16.24 -9.85 -17.31
C PHE A 65 -17.12 -10.44 -16.20
N PRO A 66 -16.69 -10.33 -14.93
CA PRO A 66 -17.43 -10.92 -13.83
C PRO A 66 -18.93 -10.68 -13.75
N ILE A 67 -19.42 -9.58 -14.33
CA ILE A 67 -20.84 -9.20 -14.27
C ILE A 67 -21.69 -10.31 -14.87
N LEU A 68 -21.20 -10.90 -15.98
CA LEU A 68 -21.91 -11.92 -16.73
C LEU A 68 -22.04 -13.24 -15.94
N GLU A 69 -21.31 -13.37 -14.81
CA GLU A 69 -21.36 -14.54 -13.92
C GLU A 69 -22.28 -14.29 -12.72
N TRP A 70 -22.13 -13.13 -12.03
CA TRP A 70 -22.73 -12.89 -10.71
C TRP A 70 -24.11 -12.25 -10.83
N LEU A 71 -24.43 -11.58 -11.97
CA LEU A 71 -25.68 -10.84 -12.13
C LEU A 71 -26.88 -11.78 -12.32
N PRO A 72 -26.85 -12.82 -13.21
CA PRO A 72 -27.99 -13.73 -13.34
C PRO A 72 -28.43 -14.38 -12.03
N LYS A 73 -27.47 -14.75 -11.17
CA LYS A 73 -27.72 -15.45 -9.91
C LYS A 73 -28.28 -14.53 -8.80
N TYR A 74 -28.48 -13.23 -9.08
CA TYR A 74 -28.81 -12.22 -8.07
C TYR A 74 -30.25 -12.43 -7.60
N ASN A 75 -30.48 -12.70 -6.30
CA ASN A 75 -31.82 -13.01 -5.77
C ASN A 75 -32.53 -11.73 -5.31
N LEU A 76 -33.64 -11.37 -6.00
CA LEU A 76 -34.20 -10.03 -6.03
C LEU A 76 -35.01 -9.69 -4.77
N LYS A 77 -35.12 -10.62 -3.81
CA LYS A 77 -36.09 -10.55 -2.72
C LYS A 77 -35.44 -9.99 -1.45
N GLU A 78 -34.30 -10.58 -1.02
CA GLU A 78 -33.65 -10.20 0.25
C GLU A 78 -32.45 -9.26 0.04
N TRP A 79 -32.15 -8.86 -1.21
CA TRP A 79 -30.98 -8.06 -1.56
C TRP A 79 -31.34 -6.72 -2.19
N LEU A 80 -32.25 -6.68 -3.20
CA LEU A 80 -32.54 -5.49 -4.00
C LEU A 80 -32.91 -4.27 -3.15
N LEU A 81 -33.72 -4.48 -2.08
CA LEU A 81 -34.05 -3.47 -1.08
C LEU A 81 -32.76 -2.88 -0.47
N GLY A 82 -31.88 -3.76 0.07
CA GLY A 82 -30.64 -3.39 0.74
C GLY A 82 -29.71 -2.57 -0.15
N ASP A 83 -29.49 -3.05 -1.39
CA ASP A 83 -28.64 -2.40 -2.38
C ASP A 83 -29.20 -1.03 -2.77
N LEU A 84 -30.53 -0.85 -2.90
CA LEU A 84 -31.13 0.44 -3.25
C LEU A 84 -30.96 1.46 -2.12
N ILE A 85 -31.17 1.05 -0.85
CA ILE A 85 -30.89 1.86 0.33
C ILE A 85 -29.43 2.35 0.29
N ALA A 86 -28.51 1.39 0.07
CA ALA A 86 -27.07 1.63 0.10
C ALA A 86 -26.66 2.58 -1.02
N GLY A 87 -27.21 2.36 -2.22
CA GLY A 87 -27.00 3.22 -3.37
C GLY A 87 -27.39 4.68 -3.13
N LEU A 88 -28.58 4.91 -2.54
CA LEU A 88 -29.04 6.25 -2.19
C LEU A 88 -28.14 6.86 -1.12
N THR A 89 -27.73 6.09 -0.12
CA THR A 89 -26.87 6.57 0.97
C THR A 89 -25.52 7.05 0.45
N VAL A 90 -24.86 6.20 -0.36
CA VAL A 90 -23.57 6.49 -1.01
C VAL A 90 -23.70 7.55 -2.10
N GLY A 91 -24.77 7.63 -2.90
CA GLY A 91 -24.94 8.76 -3.83
C GLY A 91 -25.07 10.13 -3.13
N SER A 92 -25.87 10.19 -2.06
CA SER A 92 -25.97 11.35 -1.21
C SER A 92 -24.62 11.78 -0.66
N LEU A 93 -23.69 10.83 -0.52
CA LEU A 93 -22.35 11.12 -0.02
C LEU A 93 -21.43 11.55 -1.16
N GLN A 94 -21.62 11.04 -2.40
CA GLN A 94 -20.70 11.20 -3.52
C GLN A 94 -20.80 12.60 -4.12
N ILE A 95 -22.00 13.21 -4.15
CA ILE A 95 -22.23 14.52 -4.76
C ILE A 95 -21.40 15.59 -4.05
N PRO A 96 -21.62 15.91 -2.76
CA PRO A 96 -20.76 16.87 -2.07
C PRO A 96 -19.28 16.56 -2.08
N GLN A 97 -18.89 15.36 -1.68
CA GLN A 97 -17.49 14.97 -1.75
C GLN A 97 -16.92 15.00 -3.17
N GLY A 98 -17.69 14.57 -4.15
CA GLY A 98 -17.23 14.67 -5.51
C GLY A 98 -16.68 16.05 -5.83
N ILE A 99 -17.54 17.08 -5.61
CA ILE A 99 -17.23 18.46 -5.94
C ILE A 99 -16.06 18.93 -5.08
N ALA A 100 -16.10 18.64 -3.76
CA ALA A 100 -14.99 18.93 -2.85
C ALA A 100 -13.65 18.46 -3.40
N PHE A 101 -13.52 17.13 -3.65
CA PHE A 101 -12.30 16.46 -4.06
C PHE A 101 -11.86 16.99 -5.42
N ALA A 102 -12.82 17.52 -6.20
CA ALA A 102 -12.48 18.13 -7.46
C ALA A 102 -11.74 19.46 -7.26
N LEU A 103 -12.13 20.25 -6.24
CA LEU A 103 -11.45 21.52 -5.97
C LEU A 103 -10.04 21.25 -5.44
N LEU A 104 -9.93 20.34 -4.47
CA LEU A 104 -8.67 19.84 -3.94
C LEU A 104 -7.69 19.39 -5.04
N ALA A 105 -8.19 18.96 -6.22
CA ALA A 105 -7.37 18.50 -7.33
C ALA A 105 -7.07 19.61 -8.34
N GLY A 106 -7.57 20.84 -8.13
CA GLY A 106 -7.32 21.92 -9.07
C GLY A 106 -8.31 22.02 -10.24
N LEU A 107 -9.13 20.98 -10.49
CA LEU A 107 -9.98 20.98 -11.67
C LEU A 107 -11.24 21.78 -11.34
N PRO A 108 -12.05 22.17 -12.35
CA PRO A 108 -13.38 22.74 -12.11
C PRO A 108 -14.34 21.78 -11.41
N PRO A 109 -15.43 22.26 -10.82
CA PRO A 109 -16.21 21.42 -9.93
C PRO A 109 -16.98 20.27 -10.54
N ILE A 110 -17.30 20.29 -11.84
CA ILE A 110 -18.14 19.26 -12.45
C ILE A 110 -17.36 17.93 -12.56
N TYR A 111 -16.02 17.97 -12.48
CA TYR A 111 -15.19 16.80 -12.73
C TYR A 111 -15.41 15.80 -11.61
N GLY A 112 -15.74 16.28 -10.44
CA GLY A 112 -16.08 15.42 -9.34
C GLY A 112 -17.38 14.68 -9.60
N LEU A 113 -18.42 15.36 -10.07
CA LEU A 113 -19.64 14.68 -10.49
C LEU A 113 -19.37 13.69 -11.62
N TYR A 114 -18.55 14.03 -12.66
CA TYR A 114 -18.20 13.05 -13.71
C TYR A 114 -17.44 11.84 -13.16
N SER A 115 -16.42 12.08 -12.31
CA SER A 115 -15.64 11.03 -11.68
C SER A 115 -16.42 10.16 -10.71
N SER A 116 -17.60 10.63 -10.28
CA SER A 116 -18.45 9.87 -9.40
C SER A 116 -19.51 9.08 -10.16
N PHE A 117 -19.56 9.24 -11.50
CA PHE A 117 -20.67 8.68 -12.27
C PHE A 117 -20.16 7.49 -13.08
N PHE A 118 -19.10 7.74 -13.90
CA PHE A 118 -18.56 6.78 -14.87
C PHE A 118 -17.80 5.65 -14.17
N PRO A 119 -16.75 5.97 -13.39
CA PRO A 119 -15.99 4.93 -12.72
C PRO A 119 -16.80 3.85 -12.03
N PRO A 120 -17.70 4.16 -11.10
CA PRO A 120 -18.45 3.09 -10.44
C PRO A 120 -19.23 2.14 -11.36
N LEU A 121 -19.74 2.61 -12.49
CA LEU A 121 -20.34 1.73 -13.50
C LEU A 121 -19.36 0.67 -14.09
N ILE A 122 -18.29 1.17 -14.71
CA ILE A 122 -17.31 0.34 -15.38
C ILE A 122 -16.68 -0.64 -14.38
N TYR A 123 -16.45 -0.25 -13.13
CA TYR A 123 -16.03 -1.21 -12.14
C TYR A 123 -17.10 -2.26 -11.82
N ALA A 124 -18.39 -1.91 -11.65
CA ALA A 124 -19.45 -2.91 -11.54
C ALA A 124 -19.33 -4.01 -12.60
N PHE A 125 -18.93 -3.65 -13.83
CA PHE A 125 -18.83 -4.66 -14.90
C PHE A 125 -17.61 -5.55 -14.71
N PHE A 126 -16.43 -4.97 -14.67
CA PHE A 126 -15.21 -5.76 -14.64
C PHE A 126 -14.69 -6.15 -13.25
N GLY A 127 -15.44 -5.89 -12.17
CA GLY A 127 -14.85 -5.89 -10.85
C GLY A 127 -15.22 -7.16 -10.10
N THR A 128 -14.33 -7.60 -9.19
CA THR A 128 -14.47 -8.81 -8.41
C THR A 128 -14.96 -8.56 -6.97
N SER A 129 -14.67 -7.37 -6.40
CA SER A 129 -15.10 -7.00 -5.04
C SER A 129 -16.58 -6.65 -5.03
N ARG A 130 -17.19 -6.82 -3.85
CA ARG A 130 -18.63 -6.78 -3.66
C ARG A 130 -19.01 -5.71 -2.65
N HIS A 131 -18.02 -5.06 -2.02
CA HIS A 131 -18.29 -4.03 -1.02
C HIS A 131 -17.49 -2.75 -1.25
N ILE A 132 -16.65 -2.70 -2.31
CA ILE A 132 -15.79 -1.54 -2.56
C ILE A 132 -16.67 -0.55 -3.31
N SER A 133 -16.50 0.76 -3.02
CA SER A 133 -17.10 1.85 -3.76
C SER A 133 -15.98 2.67 -4.42
N VAL A 134 -15.94 2.76 -5.76
CA VAL A 134 -14.86 3.49 -6.43
C VAL A 134 -15.37 4.86 -6.84
N GLY A 135 -14.43 5.80 -7.03
CA GLY A 135 -14.80 7.20 -7.07
C GLY A 135 -13.64 8.09 -6.66
N PRO A 136 -13.92 9.38 -6.45
CA PRO A 136 -12.88 10.32 -6.10
C PRO A 136 -12.69 10.29 -4.59
N PHE A 137 -11.44 10.06 -4.15
CA PHE A 137 -10.93 9.86 -2.79
C PHE A 137 -9.75 10.83 -2.60
N ALA A 138 -9.50 11.19 -1.31
CA ALA A 138 -8.73 12.37 -0.94
C ALA A 138 -7.29 12.33 -1.45
N VAL A 139 -6.59 11.25 -1.19
CA VAL A 139 -5.16 11.21 -1.44
C VAL A 139 -4.84 11.28 -2.93
N VAL A 140 -5.60 10.55 -3.77
CA VAL A 140 -5.36 10.63 -5.19
C VAL A 140 -5.64 12.05 -5.70
N SER A 141 -6.71 12.65 -5.19
CA SER A 141 -7.07 13.99 -5.60
C SER A 141 -5.94 14.94 -5.27
N LEU A 142 -5.37 14.87 -4.05
CA LEU A 142 -4.13 15.55 -3.66
C LEU A 142 -2.98 15.44 -4.69
N LEU A 143 -2.68 14.22 -5.18
CA LEU A 143 -1.62 13.93 -6.16
C LEU A 143 -1.91 14.53 -7.53
N VAL A 144 -3.14 14.37 -8.06
CA VAL A 144 -3.57 14.97 -9.31
C VAL A 144 -3.43 16.49 -9.23
N GLY A 145 -3.90 17.08 -8.15
CA GLY A 145 -3.78 18.50 -7.91
C GLY A 145 -2.35 19.02 -7.99
N SER A 146 -1.39 18.33 -7.36
CA SER A 146 0.01 18.70 -7.39
C SER A 146 0.47 18.87 -8.82
N VAL A 147 0.22 17.87 -9.67
CA VAL A 147 0.69 17.82 -11.05
C VAL A 147 0.00 18.90 -11.88
N VAL A 148 -1.31 19.04 -11.78
CA VAL A 148 -2.05 20.06 -12.49
C VAL A 148 -1.42 21.42 -12.23
N GLU A 149 -1.37 21.88 -10.97
CA GLU A 149 -0.92 23.24 -10.65
C GLU A 149 0.59 23.42 -10.92
N ARG A 150 1.36 22.33 -11.02
CA ARG A 150 2.77 22.41 -11.38
C ARG A 150 2.94 22.61 -12.90
N LEU A 151 2.17 21.89 -13.75
CA LEU A 151 2.20 22.00 -15.22
C LEU A 151 1.35 23.17 -15.74
N VAL A 152 0.42 23.66 -14.91
CA VAL A 152 -0.39 24.82 -15.23
C VAL A 152 -0.42 25.74 -14.03
N PRO A 153 0.54 26.67 -13.86
CA PRO A 153 0.47 27.65 -12.78
C PRO A 153 -0.76 28.55 -12.91
N ASP A 154 -1.09 29.26 -11.82
CA ASP A 154 -2.36 29.96 -11.62
C ASP A 154 -2.49 31.18 -12.54
N ASP A 155 -1.37 31.87 -12.86
CA ASP A 155 -1.34 32.97 -13.82
C ASP A 155 -1.80 32.47 -15.19
N ASN A 166 -11.82 34.49 -20.88
CA ASN A 166 -10.49 34.46 -21.56
C ASN A 166 -9.51 33.63 -20.70
N GLY A 167 -8.77 34.32 -19.81
CA GLY A 167 -7.60 33.79 -19.11
C GLY A 167 -7.91 32.53 -18.29
N THR A 168 -8.98 32.58 -17.48
CA THR A 168 -9.38 31.48 -16.60
C THR A 168 -9.81 30.25 -17.42
N GLU A 169 -10.60 30.43 -18.50
CA GLU A 169 -11.05 29.35 -19.37
C GLU A 169 -9.88 28.69 -20.11
N ALA A 170 -8.88 29.50 -20.54
CA ALA A 170 -7.68 29.03 -21.21
C ALA A 170 -6.88 28.10 -20.29
N ARG A 171 -6.61 28.60 -19.07
CA ARG A 171 -5.94 27.87 -18.00
C ARG A 171 -6.73 26.58 -17.67
N ASP A 172 -8.06 26.66 -17.48
CA ASP A 172 -8.89 25.50 -17.14
C ASP A 172 -8.88 24.44 -18.25
N ALA A 173 -8.92 24.85 -19.54
CA ALA A 173 -8.80 23.94 -20.65
C ALA A 173 -7.48 23.15 -20.57
N LEU A 174 -6.33 23.82 -20.39
CA LEU A 174 -5.03 23.16 -20.27
C LEU A 174 -4.95 22.28 -19.01
N ARG A 175 -5.59 22.71 -17.91
CA ARG A 175 -5.67 21.96 -16.65
C ARG A 175 -6.34 20.61 -16.91
N VAL A 176 -7.56 20.62 -17.48
CA VAL A 176 -8.32 19.39 -17.67
C VAL A 176 -7.65 18.45 -18.66
N GLN A 177 -6.86 18.99 -19.59
CA GLN A 177 -6.07 18.18 -20.51
C GLN A 177 -4.99 17.45 -19.72
N VAL A 178 -4.33 18.13 -18.76
CA VAL A 178 -3.31 17.46 -17.95
C VAL A 178 -3.95 16.32 -17.14
N ALA A 179 -5.16 16.58 -16.59
CA ALA A 179 -5.91 15.63 -15.80
C ALA A 179 -6.15 14.36 -16.59
N PHE A 180 -6.66 14.52 -17.81
CA PHE A 180 -7.01 13.40 -18.67
C PHE A 180 -5.78 12.59 -19.01
N THR A 181 -4.66 13.19 -19.38
CA THR A 181 -3.40 12.47 -19.52
C THR A 181 -3.05 11.62 -18.29
N LEU A 182 -3.12 12.17 -17.06
CA LEU A 182 -2.88 11.43 -15.82
C LEU A 182 -3.81 10.22 -15.66
N THR A 183 -5.10 10.42 -15.84
CA THR A 183 -6.08 9.35 -15.78
C THR A 183 -5.77 8.27 -16.78
N PHE A 184 -5.48 8.66 -18.01
CA PHE A 184 -5.12 7.72 -19.07
C PHE A 184 -3.94 6.84 -18.63
N LEU A 185 -2.80 7.47 -18.35
CA LEU A 185 -1.57 6.75 -18.10
C LEU A 185 -1.74 5.86 -16.88
N ALA A 186 -2.40 6.36 -15.82
CA ALA A 186 -2.60 5.60 -14.59
C ALA A 186 -3.43 4.36 -14.87
N GLY A 187 -4.44 4.48 -15.72
CA GLY A 187 -5.23 3.34 -16.10
C GLY A 187 -4.43 2.32 -16.91
N ILE A 188 -3.59 2.79 -17.84
CA ILE A 188 -2.77 1.91 -18.65
C ILE A 188 -1.77 1.14 -17.77
N ILE A 189 -1.09 1.83 -16.86
CA ILE A 189 -0.18 1.14 -15.97
C ILE A 189 -0.92 0.04 -15.16
N GLN A 190 -2.00 0.37 -14.49
CA GLN A 190 -2.77 -0.58 -13.74
C GLN A 190 -3.28 -1.75 -14.59
N LEU A 191 -3.74 -1.48 -15.83
CA LEU A 191 -4.20 -2.50 -16.77
C LEU A 191 -3.08 -3.48 -17.13
N ALA A 192 -1.92 -2.89 -17.48
CA ALA A 192 -0.73 -3.63 -17.80
C ALA A 192 -0.42 -4.64 -16.71
N LEU A 193 -0.10 -4.11 -15.50
CA LEU A 193 0.24 -4.94 -14.34
C LEU A 193 -0.71 -6.14 -14.21
N GLY A 194 -1.96 -5.99 -14.64
CA GLY A 194 -2.98 -7.00 -14.36
C GLY A 194 -3.01 -8.02 -15.47
N LEU A 195 -2.64 -7.59 -16.69
CA LEU A 195 -2.53 -8.48 -17.84
C LEU A 195 -1.27 -9.36 -17.73
N LEU A 196 -0.10 -8.74 -17.43
CA LEU A 196 1.15 -9.45 -17.13
C LEU A 196 1.15 -10.28 -15.83
N ARG A 197 0.01 -10.40 -15.12
CA ARG A 197 -0.18 -11.24 -13.94
C ARG A 197 0.83 -10.90 -12.83
N LEU A 198 1.22 -9.62 -12.77
CA LEU A 198 2.09 -9.08 -11.72
C LEU A 198 1.28 -8.52 -10.54
N GLY A 199 0.17 -9.15 -10.18
CA GLY A 199 -0.69 -8.58 -9.15
C GLY A 199 -0.26 -9.04 -7.77
N PHE A 200 0.71 -9.96 -7.74
CA PHE A 200 1.36 -10.40 -6.51
C PHE A 200 2.22 -9.29 -5.91
N LEU A 201 2.61 -8.31 -6.70
CA LEU A 201 3.48 -7.24 -6.25
C LEU A 201 2.73 -6.27 -5.33
N VAL A 202 1.38 -6.33 -5.27
CA VAL A 202 0.62 -5.47 -4.36
C VAL A 202 0.62 -6.01 -2.92
N ASP A 203 1.25 -7.17 -2.71
CA ASP A 203 1.50 -7.74 -1.39
C ASP A 203 2.73 -7.09 -0.77
N PHE A 204 3.64 -6.56 -1.59
CA PHE A 204 4.93 -6.05 -1.14
C PHE A 204 4.73 -4.68 -0.48
N LEU A 205 3.51 -4.13 -0.63
CA LEU A 205 3.11 -2.84 -0.05
C LEU A 205 2.51 -3.15 1.31
N SER A 206 3.41 -3.17 2.35
CA SER A 206 3.15 -3.45 3.77
C SER A 206 1.92 -2.69 4.28
N GLU A 207 1.26 -3.09 5.36
CA GLU A 207 0.23 -2.22 5.93
C GLU A 207 0.88 -1.01 6.64
N PRO A 208 1.95 -1.11 7.43
CA PRO A 208 2.61 0.09 7.90
C PRO A 208 2.99 1.08 6.83
N LEU A 209 3.36 0.60 5.67
CA LEU A 209 3.74 1.53 4.64
C LEU A 209 2.56 2.39 4.32
N ILE A 210 1.43 1.76 4.11
CA ILE A 210 0.26 2.46 3.58
C ILE A 210 -0.38 3.27 4.71
N SER A 211 -0.33 2.83 5.95
CA SER A 211 -0.80 3.67 7.03
C SER A 211 0.05 4.95 7.10
N GLY A 212 1.34 4.82 7.11
CA GLY A 212 2.15 6.00 7.13
C GLY A 212 1.85 6.97 6.00
N PHE A 213 1.87 6.51 4.78
CA PHE A 213 1.62 7.31 3.60
C PHE A 213 0.26 7.97 3.62
N THR A 214 -0.83 7.26 3.90
CA THR A 214 -2.09 7.98 3.95
C THR A 214 -2.22 9.00 5.09
N THR A 215 -1.64 8.76 6.27
CA THR A 215 -1.66 9.73 7.37
C THR A 215 -0.87 10.98 7.02
N GLY A 216 0.30 10.82 6.40
CA GLY A 216 1.08 11.94 5.88
C GLY A 216 0.30 12.77 4.86
N ALA A 217 -0.28 12.09 3.88
CA ALA A 217 -1.07 12.75 2.89
C ALA A 217 -2.28 13.47 3.52
N ALA A 218 -2.87 12.98 4.59
CA ALA A 218 -3.94 13.73 5.22
C ALA A 218 -3.42 14.96 5.95
N ILE A 219 -2.18 14.98 6.45
CA ILE A 219 -1.64 16.26 6.94
C ILE A 219 -1.60 17.33 5.83
N HIS A 220 -0.98 17.06 4.67
CA HIS A 220 -1.08 17.96 3.53
C HIS A 220 -2.52 18.42 3.24
N ILE A 221 -3.50 17.51 3.14
CA ILE A 221 -4.87 17.85 2.75
C ILE A 221 -5.57 18.73 3.80
N LEU A 222 -5.25 18.49 5.05
CA LEU A 222 -5.70 19.42 6.09
C LEU A 222 -5.13 20.85 5.98
N LEU A 223 -3.80 21.00 5.76
CA LEU A 223 -3.15 22.32 5.58
C LEU A 223 -3.64 23.07 4.34
N SER A 224 -3.82 22.35 3.23
CA SER A 224 -4.42 22.94 2.05
C SER A 224 -5.76 23.58 2.37
N GLN A 225 -6.65 22.91 3.11
CA GLN A 225 -8.01 23.41 3.26
C GLN A 225 -8.13 24.48 4.35
N LEU A 226 -7.06 24.87 5.07
CA LEU A 226 -7.10 25.99 6.01
C LEU A 226 -7.30 27.34 5.32
N LYS A 227 -6.48 27.64 4.30
CA LYS A 227 -6.68 28.80 3.44
C LYS A 227 -8.14 29.04 2.97
N TYR A 228 -8.87 28.04 2.45
CA TYR A 228 -10.25 28.18 1.97
C TYR A 228 -11.25 28.29 3.11
N LEU A 229 -10.83 27.94 4.31
CA LEU A 229 -11.71 27.77 5.47
C LEU A 229 -11.81 29.10 6.22
N LEU A 230 -10.73 29.92 6.14
CA LEU A 230 -10.59 31.25 6.72
C LEU A 230 -10.87 32.33 5.69
N GLY A 231 -10.38 32.15 4.48
CA GLY A 231 -10.67 33.09 3.40
C GLY A 231 -9.40 33.78 2.91
N LEU A 232 -8.22 33.31 3.35
CA LEU A 232 -6.94 33.83 2.84
C LEU A 232 -6.69 33.47 1.37
N LYS A 233 -5.73 34.15 0.74
CA LYS A 233 -5.44 34.02 -0.69
C LYS A 233 -3.94 33.73 -0.86
N ILE A 234 -3.44 32.78 -0.04
CA ILE A 234 -2.04 32.40 0.00
C ILE A 234 -1.70 31.51 -1.22
N PRO A 235 -0.61 31.73 -1.97
CA PRO A 235 -0.06 30.68 -2.83
C PRO A 235 0.85 29.74 -2.03
N ARG A 236 0.93 28.43 -2.40
CA ARG A 236 1.80 27.44 -1.76
C ARG A 236 2.29 26.41 -2.78
N HIS A 237 3.20 25.49 -2.35
CA HIS A 237 3.75 24.39 -3.15
C HIS A 237 3.62 23.02 -2.44
N SER A 238 3.95 21.91 -3.16
CA SER A 238 4.03 20.53 -2.67
C SER A 238 5.46 19.94 -2.73
N GLY A 239 6.44 20.82 -2.99
CA GLY A 239 7.85 20.48 -3.17
C GLY A 239 8.53 20.20 -1.82
N PRO A 240 9.84 19.91 -1.81
CA PRO A 240 10.58 19.71 -0.55
C PRO A 240 10.27 20.76 0.51
N PHE A 241 10.02 20.28 1.70
CA PHE A 241 9.69 21.03 2.89
C PHE A 241 8.54 22.04 2.68
N SER A 242 7.66 21.79 1.70
CA SER A 242 6.55 22.69 1.44
C SER A 242 5.50 22.87 2.54
N VAL A 243 5.15 21.85 3.33
CA VAL A 243 4.25 21.94 4.49
C VAL A 243 4.73 23.02 5.44
N ILE A 244 6.07 23.17 5.59
CA ILE A 244 6.61 24.06 6.61
C ILE A 244 6.30 25.50 6.20
N TYR A 245 6.74 25.90 4.99
CA TYR A 245 6.54 27.28 4.59
C TYR A 245 5.06 27.54 4.26
N SER A 246 4.27 26.52 3.93
CA SER A 246 2.81 26.64 3.79
C SER A 246 2.10 26.98 5.10
N VAL A 247 2.53 26.37 6.23
CA VAL A 247 1.91 26.65 7.51
C VAL A 247 2.29 28.06 8.01
N ILE A 248 3.55 28.48 7.77
CA ILE A 248 4.05 29.79 8.19
C ILE A 248 3.40 30.87 7.32
N SER A 249 3.16 30.53 6.03
CA SER A 249 2.43 31.36 5.09
C SER A 249 1.05 31.64 5.65
N VAL A 250 0.38 30.63 6.18
CA VAL A 250 -0.93 30.85 6.76
C VAL A 250 -0.82 31.61 8.08
N PHE A 251 0.27 31.46 8.86
CA PHE A 251 0.43 32.23 10.10
C PHE A 251 0.69 33.71 9.85
N HIS A 252 1.38 34.05 8.74
CA HIS A 252 1.65 35.43 8.33
C HIS A 252 0.36 36.12 7.91
N ASN A 253 -0.47 35.41 7.12
CA ASN A 253 -1.63 35.98 6.46
C ASN A 253 -2.92 35.80 7.28
N ILE A 254 -2.86 35.30 8.52
CA ILE A 254 -4.05 35.19 9.38
C ILE A 254 -4.70 36.55 9.68
N PRO A 255 -4.01 37.72 9.74
CA PRO A 255 -4.72 39.01 9.79
C PRO A 255 -5.57 39.35 8.56
N ASN A 256 -5.28 38.76 7.39
CA ASN A 256 -6.07 38.95 6.16
C ASN A 256 -7.31 38.03 6.10
N THR A 257 -7.75 37.50 7.26
CA THR A 257 -8.87 36.58 7.41
C THR A 257 -10.16 37.28 7.01
N ASN A 258 -10.89 36.68 6.05
CA ASN A 258 -12.28 37.06 5.87
C ASN A 258 -13.09 36.54 7.07
N ILE A 259 -13.97 37.35 7.64
CA ILE A 259 -14.69 36.99 8.85
C ILE A 259 -15.97 36.25 8.48
N ALA A 260 -16.60 36.61 7.34
CA ALA A 260 -17.82 35.97 6.88
C ALA A 260 -17.52 34.54 6.40
N THR A 261 -16.37 34.34 5.74
CA THR A 261 -15.89 33.01 5.36
C THR A 261 -15.64 32.15 6.58
N LEU A 262 -14.99 32.63 7.66
CA LEU A 262 -14.86 31.88 8.93
C LEU A 262 -16.21 31.60 9.60
N GLY A 263 -17.16 32.52 9.43
CA GLY A 263 -18.54 32.32 9.83
C GLY A 263 -19.15 31.08 9.18
N VAL A 264 -19.09 31.01 7.84
CA VAL A 264 -19.80 29.97 7.10
C VAL A 264 -19.08 28.61 7.24
N SER A 265 -17.75 28.65 7.41
CA SER A 265 -16.95 27.49 7.82
C SER A 265 -17.41 26.86 9.14
N LEU A 266 -17.51 27.68 10.21
CA LEU A 266 -17.84 27.18 11.54
C LEU A 266 -19.31 26.75 11.64
N LEU A 267 -20.23 27.52 11.02
CA LEU A 267 -21.62 27.11 10.78
C LEU A 267 -21.68 25.71 10.15
N SER A 268 -20.86 25.48 9.10
CA SER A 268 -20.85 24.23 8.34
C SER A 268 -20.43 23.05 9.21
N PHE A 269 -19.30 23.18 9.93
CA PHE A 269 -18.82 22.16 10.85
C PHE A 269 -19.84 21.82 11.93
N VAL A 270 -20.48 22.85 12.54
CA VAL A 270 -21.53 22.69 13.55
C VAL A 270 -22.67 21.80 13.02
N LEU A 271 -23.25 22.16 11.88
CA LEU A 271 -24.32 21.38 11.25
C LEU A 271 -23.87 19.95 10.95
N LEU A 272 -22.62 19.74 10.47
CA LEU A 272 -22.07 18.42 10.15
C LEU A 272 -21.99 17.53 11.39
N LEU A 273 -21.33 18.00 12.49
CA LEU A 273 -21.16 17.22 13.72
C LEU A 273 -22.50 16.98 14.43
N VAL A 274 -23.42 17.97 14.40
CA VAL A 274 -24.77 17.84 14.94
C VAL A 274 -25.50 16.68 14.25
N VAL A 275 -25.58 16.71 12.91
CA VAL A 275 -26.32 15.72 12.15
C VAL A 275 -25.69 14.31 12.25
N LYS A 276 -24.34 14.23 12.27
CA LYS A 276 -23.64 12.95 12.40
C LYS A 276 -23.88 12.34 13.79
N GLU A 277 -23.68 13.11 14.88
CA GLU A 277 -23.97 12.66 16.24
C GLU A 277 -25.45 12.28 16.41
N LEU A 278 -26.37 13.15 15.93
CA LEU A 278 -27.82 12.94 16.02
C LEU A 278 -28.21 11.59 15.40
N ASN A 279 -27.89 11.38 14.11
CA ASN A 279 -28.29 10.15 13.40
C ASN A 279 -27.48 8.93 13.88
N LYS A 280 -26.35 9.12 14.58
CA LYS A 280 -25.59 8.03 15.20
C LYS A 280 -26.23 7.54 16.50
N ARG A 281 -26.49 8.45 17.46
CA ARG A 281 -26.95 8.09 18.80
C ARG A 281 -28.48 7.93 18.85
N PHE A 282 -29.24 8.84 18.20
CA PHE A 282 -30.70 8.86 18.29
C PHE A 282 -31.33 7.73 17.46
N LYS A 283 -32.65 7.55 17.68
CA LYS A 283 -33.42 6.36 17.30
C LYS A 283 -33.46 6.25 15.76
N LYS A 284 -33.64 5.00 15.26
CA LYS A 284 -33.54 4.67 13.86
C LYS A 284 -34.61 5.46 13.10
N LYS A 285 -35.90 5.11 13.33
CA LYS A 285 -37.09 5.74 12.75
C LYS A 285 -36.92 6.05 11.25
N LEU A 286 -36.02 5.32 10.55
CA LEU A 286 -35.58 5.63 9.20
C LEU A 286 -35.03 4.35 8.55
N PRO A 287 -35.48 3.97 7.33
CA PRO A 287 -34.78 2.96 6.54
C PRO A 287 -33.42 3.48 6.06
N VAL A 288 -33.34 4.77 5.69
CA VAL A 288 -32.12 5.42 5.18
C VAL A 288 -31.58 6.39 6.23
N PRO A 289 -30.25 6.39 6.53
CA PRO A 289 -29.68 7.42 7.42
C PRO A 289 -29.80 8.84 6.87
N ILE A 290 -29.61 9.84 7.75
CA ILE A 290 -29.68 11.27 7.40
C ILE A 290 -28.41 11.65 6.65
N PRO A 291 -28.48 12.09 5.36
CA PRO A 291 -27.28 12.49 4.64
C PRO A 291 -26.75 13.86 5.09
N ALA A 292 -25.68 13.86 5.88
CA ALA A 292 -25.18 15.06 6.57
C ALA A 292 -24.60 16.06 5.59
N GLU A 293 -23.66 15.60 4.75
CA GLU A 293 -22.93 16.48 3.84
C GLU A 293 -23.91 17.13 2.87
N LEU A 294 -24.89 16.36 2.39
CA LEU A 294 -25.85 16.86 1.41
C LEU A 294 -26.65 18.03 1.98
N ILE A 295 -27.23 17.84 3.19
CA ILE A 295 -28.08 18.84 3.81
C ILE A 295 -27.29 20.07 4.24
N VAL A 296 -26.03 19.91 4.65
CA VAL A 296 -25.15 21.04 4.91
C VAL A 296 -24.84 21.86 3.65
N VAL A 297 -24.43 21.24 2.54
CA VAL A 297 -24.28 21.91 1.26
C VAL A 297 -25.57 22.64 0.89
N ILE A 298 -26.75 21.99 1.02
CA ILE A 298 -28.05 22.58 0.69
C ILE A 298 -28.39 23.82 1.54
N LEU A 299 -28.36 23.73 2.89
CA LEU A 299 -28.60 24.87 3.78
C LEU A 299 -27.61 26.01 3.48
N ALA A 300 -26.33 25.67 3.24
CA ALA A 300 -25.31 26.67 3.04
C ALA A 300 -25.47 27.40 1.71
N THR A 301 -25.78 26.67 0.61
CA THR A 301 -25.98 27.32 -0.68
C THR A 301 -27.21 28.26 -0.59
N LEU A 302 -28.27 27.86 0.14
CA LEU A 302 -29.46 28.68 0.26
C LEU A 302 -29.15 29.94 1.07
N ILE A 303 -28.41 29.79 2.18
CA ILE A 303 -27.98 30.91 3.03
C ILE A 303 -27.11 31.91 2.25
N SER A 304 -26.11 31.42 1.52
CA SER A 304 -25.27 32.23 0.66
C SER A 304 -25.98 32.77 -0.59
N TYR A 305 -27.20 32.32 -0.93
CA TYR A 305 -27.99 32.94 -2.01
C TYR A 305 -28.93 34.05 -1.48
N TYR A 306 -29.61 33.79 -0.34
CA TYR A 306 -30.53 34.74 0.32
C TYR A 306 -29.75 35.94 0.87
N PHE A 307 -28.87 35.71 1.84
CA PHE A 307 -28.08 36.76 2.46
C PHE A 307 -26.98 37.32 1.53
N ASN A 308 -26.78 36.70 0.36
CA ASN A 308 -25.93 37.15 -0.76
C ASN A 308 -24.51 37.46 -0.30
N LEU A 309 -23.79 36.38 0.11
CA LEU A 309 -22.46 36.39 0.71
C LEU A 309 -21.38 36.67 -0.33
N ALA A 310 -21.54 36.10 -1.53
CA ALA A 310 -20.58 36.14 -2.61
C ALA A 310 -20.17 37.56 -2.98
N GLU A 311 -21.16 38.46 -3.18
CA GLU A 311 -20.92 39.79 -3.76
C GLU A 311 -20.71 40.84 -2.65
N LYS A 312 -21.49 40.80 -1.56
CA LYS A 312 -21.39 41.76 -0.47
C LYS A 312 -20.11 41.54 0.35
N TYR A 313 -20.03 40.40 1.05
CA TYR A 313 -19.01 40.12 2.04
C TYR A 313 -17.75 39.47 1.45
N GLY A 314 -17.80 39.08 0.16
CA GLY A 314 -16.63 38.65 -0.61
C GLY A 314 -16.25 37.19 -0.37
N VAL A 315 -17.19 36.39 0.15
CA VAL A 315 -17.04 34.94 0.35
C VAL A 315 -16.89 34.27 -1.01
N SER A 316 -15.80 33.50 -1.25
CA SER A 316 -15.59 32.82 -2.52
C SER A 316 -16.57 31.66 -2.66
N ILE A 317 -17.18 31.51 -3.84
CA ILE A 317 -18.19 30.48 -4.13
C ILE A 317 -17.71 29.61 -5.30
N VAL A 318 -18.30 28.39 -5.38
CA VAL A 318 -18.13 27.47 -6.49
C VAL A 318 -18.69 28.18 -7.72
N GLY A 319 -18.03 28.03 -8.89
CA GLY A 319 -18.50 28.73 -10.09
C GLY A 319 -19.81 28.17 -10.68
N HIS A 320 -19.92 28.22 -12.03
CA HIS A 320 -20.99 27.62 -12.80
C HIS A 320 -20.73 26.11 -12.94
N ILE A 321 -21.71 25.28 -12.53
CA ILE A 321 -21.71 23.84 -12.78
C ILE A 321 -22.56 23.57 -14.03
N PRO A 322 -21.95 23.20 -15.18
CA PRO A 322 -22.68 23.01 -16.44
C PRO A 322 -23.55 21.77 -16.44
N LYS A 323 -24.73 21.89 -17.08
CA LYS A 323 -25.71 20.81 -17.20
C LYS A 323 -25.33 19.93 -18.38
N GLY A 324 -25.75 18.65 -18.32
CA GLY A 324 -25.56 17.70 -19.40
C GLY A 324 -24.51 16.63 -19.09
N LEU A 325 -24.53 15.55 -19.89
CA LEU A 325 -23.59 14.43 -19.79
C LEU A 325 -22.19 14.91 -20.14
N PRO A 326 -21.14 14.15 -19.77
CA PRO A 326 -19.76 14.51 -20.10
C PRO A 326 -19.54 14.59 -21.61
N PRO A 327 -18.60 15.43 -22.09
CA PRO A 327 -18.18 15.38 -23.49
C PRO A 327 -17.07 14.36 -23.69
N PRO A 328 -17.10 13.50 -24.76
CA PRO A 328 -16.00 12.56 -25.02
C PRO A 328 -14.79 13.37 -25.50
N SER A 329 -13.65 13.13 -24.84
CA SER A 329 -12.42 13.92 -24.96
C SER A 329 -11.28 12.97 -25.31
N VAL A 330 -10.06 13.49 -25.53
CA VAL A 330 -8.88 12.70 -25.88
C VAL A 330 -7.70 13.19 -25.04
N PRO A 331 -7.06 12.36 -24.17
CA PRO A 331 -5.84 12.77 -23.48
C PRO A 331 -4.66 12.96 -24.43
N ASP A 332 -4.31 14.23 -24.69
CA ASP A 332 -3.15 14.62 -25.50
C ASP A 332 -1.85 14.16 -24.82
N LEU A 333 -1.24 13.09 -25.37
CA LEU A 333 0.01 12.52 -24.87
C LEU A 333 1.22 13.34 -25.34
N SER A 334 1.02 14.60 -25.76
CA SER A 334 2.08 15.60 -25.91
C SER A 334 2.75 15.91 -24.56
N LEU A 335 2.03 15.68 -23.44
CA LEU A 335 2.49 15.93 -22.07
C LEU A 335 3.04 14.65 -21.40
N PHE A 336 3.05 13.52 -22.14
CA PHE A 336 3.45 12.20 -21.63
C PHE A 336 4.79 12.25 -20.87
N PRO A 337 5.88 12.88 -21.36
CA PRO A 337 7.15 12.90 -20.62
C PRO A 337 7.21 13.80 -19.37
N LEU A 338 6.24 14.72 -19.20
CA LEU A 338 6.15 15.57 -18.02
C LEU A 338 5.45 14.86 -16.85
N VAL A 339 4.43 14.03 -17.16
CA VAL A 339 3.45 13.55 -16.18
C VAL A 339 3.53 12.03 -15.95
N ILE A 340 4.41 11.28 -16.67
CA ILE A 340 4.53 9.82 -16.53
C ILE A 340 4.98 9.41 -15.10
N GLY A 341 5.83 10.22 -14.44
CA GLY A 341 6.29 9.95 -13.08
C GLY A 341 5.16 9.98 -12.04
N ASP A 342 4.34 11.05 -12.07
CA ASP A 342 3.24 11.21 -11.13
C ASP A 342 2.07 10.27 -11.45
N ALA A 343 1.90 9.88 -12.74
CA ALA A 343 0.95 8.86 -13.18
C ALA A 343 1.31 7.47 -12.66
N ILE A 344 2.61 7.17 -12.57
CA ILE A 344 3.12 5.99 -11.85
C ILE A 344 2.78 6.03 -10.34
N ALA A 345 2.89 7.19 -9.68
CA ALA A 345 2.55 7.29 -8.26
C ALA A 345 1.03 7.14 -8.04
N ILE A 346 0.23 7.82 -8.86
CA ILE A 346 -1.23 7.69 -8.82
C ILE A 346 -1.63 6.22 -8.92
N ALA A 347 -1.00 5.50 -9.86
CA ALA A 347 -1.40 4.15 -10.19
C ALA A 347 -1.12 3.22 -9.03
N ILE A 348 0.06 3.35 -8.40
CA ILE A 348 0.49 2.51 -7.28
C ILE A 348 -0.32 2.78 -6.02
N VAL A 349 -0.58 4.06 -5.69
CA VAL A 349 -1.47 4.47 -4.61
C VAL A 349 -2.85 3.85 -4.85
N GLY A 350 -3.49 4.09 -6.01
CA GLY A 350 -4.78 3.55 -6.34
C GLY A 350 -4.92 2.03 -6.08
N LEU A 351 -3.97 1.23 -6.58
CA LEU A 351 -3.99 -0.23 -6.46
C LEU A 351 -4.00 -0.56 -4.99
N ALA A 352 -2.96 -0.01 -4.31
CA ALA A 352 -2.67 -0.27 -2.91
C ALA A 352 -3.92 -0.12 -2.06
N VAL A 353 -4.52 1.10 -2.07
CA VAL A 353 -5.74 1.43 -1.32
C VAL A 353 -6.93 0.58 -1.77
N SER A 354 -7.24 0.56 -3.06
CA SER A 354 -8.40 -0.19 -3.53
C SER A 354 -8.33 -1.67 -3.15
N ILE A 355 -7.14 -2.29 -3.25
CA ILE A 355 -7.05 -3.74 -3.13
C ILE A 355 -7.04 -4.09 -1.65
N SER A 356 -6.35 -3.29 -0.83
CA SER A 356 -6.49 -3.37 0.62
C SER A 356 -7.96 -3.44 1.02
N VAL A 357 -8.79 -2.52 0.51
CA VAL A 357 -10.17 -2.43 0.95
C VAL A 357 -10.91 -3.67 0.47
N GLY A 358 -10.67 -4.07 -0.78
CA GLY A 358 -11.26 -5.25 -1.37
C GLY A 358 -11.06 -6.45 -0.47
N LYS A 359 -9.79 -6.64 -0.07
CA LYS A 359 -9.34 -7.75 0.77
C LYS A 359 -9.94 -7.65 2.18
N THR A 360 -9.96 -6.48 2.81
CA THR A 360 -10.59 -6.26 4.12
C THR A 360 -12.04 -6.78 4.15
N PHE A 361 -12.87 -6.30 3.23
CA PHE A 361 -14.28 -6.63 3.19
C PHE A 361 -14.48 -8.07 2.69
N ALA A 362 -13.56 -8.59 1.85
CA ALA A 362 -13.65 -9.98 1.38
C ALA A 362 -13.40 -10.98 2.50
N LYS A 363 -12.32 -10.75 3.28
CA LYS A 363 -12.00 -11.48 4.50
C LYS A 363 -13.19 -11.51 5.46
N LYS A 364 -13.74 -10.31 5.76
CA LYS A 364 -14.77 -10.11 6.77
C LYS A 364 -16.10 -10.77 6.36
N HIS A 365 -16.35 -10.91 5.05
CA HIS A 365 -17.62 -11.42 4.54
C HIS A 365 -17.48 -12.80 3.89
N GLY A 366 -16.26 -13.39 3.91
CA GLY A 366 -16.06 -14.79 3.59
C GLY A 366 -16.12 -15.11 2.10
N TYR A 367 -15.40 -14.32 1.28
CA TYR A 367 -15.22 -14.57 -0.14
C TYR A 367 -13.81 -14.10 -0.53
N GLN A 368 -13.48 -14.16 -1.83
CA GLN A 368 -12.15 -13.85 -2.34
C GLN A 368 -12.24 -12.89 -3.52
N ILE A 369 -11.28 -11.96 -3.58
CA ILE A 369 -11.01 -11.15 -4.75
C ILE A 369 -9.78 -11.74 -5.48
N ASP A 370 -9.70 -11.59 -6.80
CA ASP A 370 -8.48 -11.80 -7.59
C ASP A 370 -7.76 -10.47 -7.81
N GLY A 371 -6.52 -10.33 -7.30
CA GLY A 371 -5.69 -9.13 -7.40
C GLY A 371 -5.42 -8.71 -8.84
N ASN A 372 -5.29 -9.70 -9.74
CA ASN A 372 -5.06 -9.45 -11.15
C ASN A 372 -6.31 -8.90 -11.82
N GLN A 373 -7.48 -9.50 -11.57
CA GLN A 373 -8.72 -9.00 -12.16
C GLN A 373 -9.05 -7.65 -11.60
N GLU A 374 -8.78 -7.41 -10.30
CA GLU A 374 -8.89 -6.09 -9.70
C GLU A 374 -8.01 -5.07 -10.44
N LEU A 375 -6.76 -5.42 -10.82
CA LEU A 375 -5.92 -4.46 -11.55
C LEU A 375 -6.53 -4.14 -12.90
N ILE A 376 -7.06 -5.16 -13.59
CA ILE A 376 -7.67 -4.97 -14.89
C ILE A 376 -8.90 -4.07 -14.70
N ALA A 377 -9.73 -4.32 -13.69
CA ALA A 377 -10.94 -3.54 -13.53
C ALA A 377 -10.59 -2.07 -13.29
N LEU A 378 -9.74 -1.77 -12.33
CA LEU A 378 -9.40 -0.38 -12.02
C LEU A 378 -8.76 0.28 -13.26
N GLY A 379 -8.05 -0.48 -14.07
CA GLY A 379 -7.38 0.16 -15.19
C GLY A 379 -8.38 0.49 -16.29
N LEU A 380 -9.34 -0.39 -16.54
CA LEU A 380 -10.32 -0.13 -17.56
C LEU A 380 -11.12 1.10 -17.17
N MET A 381 -11.56 1.14 -15.92
CA MET A 381 -12.33 2.22 -15.36
C MET A 381 -11.60 3.55 -15.58
N ASN A 382 -10.33 3.65 -15.23
CA ASN A 382 -9.57 4.88 -15.47
C ASN A 382 -9.46 5.25 -16.96
N ILE A 383 -9.22 4.30 -17.89
CA ILE A 383 -9.05 4.58 -19.31
C ILE A 383 -10.36 5.04 -19.97
N VAL A 384 -11.45 4.26 -19.91
CA VAL A 384 -12.78 4.79 -20.19
C VAL A 384 -13.09 6.18 -19.60
N GLY A 385 -12.80 6.36 -18.31
CA GLY A 385 -13.05 7.64 -17.68
C GLY A 385 -12.20 8.74 -18.31
N SER A 386 -10.99 8.39 -18.77
CA SER A 386 -10.06 9.38 -19.31
C SER A 386 -10.67 9.99 -20.56
N PHE A 387 -11.37 9.13 -21.31
CA PHE A 387 -12.08 9.50 -22.53
C PHE A 387 -13.34 10.29 -22.21
N PHE A 388 -14.06 9.98 -21.14
CA PHE A 388 -15.31 10.69 -20.85
C PHE A 388 -15.17 11.64 -19.67
N SER A 389 -14.08 12.44 -19.68
CA SER A 389 -13.92 13.65 -18.86
C SER A 389 -13.97 13.32 -17.37
N CYS A 390 -13.07 12.44 -16.90
CA CYS A 390 -12.89 12.13 -15.49
C CYS A 390 -11.45 12.29 -15.06
N TYR A 391 -11.20 12.11 -13.75
CA TYR A 391 -9.86 12.07 -13.16
C TYR A 391 -9.79 10.82 -12.29
N PRO A 392 -8.56 10.30 -12.03
CA PRO A 392 -8.36 8.92 -11.55
C PRO A 392 -9.20 8.61 -10.32
N ALA A 393 -9.98 7.54 -10.43
CA ALA A 393 -10.74 7.04 -9.29
C ALA A 393 -10.03 5.82 -8.70
N THR A 394 -10.55 5.37 -7.57
CA THR A 394 -9.95 4.40 -6.66
C THR A 394 -11.02 4.03 -5.65
N GLY A 395 -10.82 2.95 -4.92
CA GLY A 395 -11.73 2.59 -3.86
C GLY A 395 -11.36 3.37 -2.62
N SER A 396 -12.26 3.32 -1.63
CA SER A 396 -11.93 4.02 -0.40
C SER A 396 -12.63 3.33 0.72
N PHE A 397 -12.01 3.32 1.91
CA PHE A 397 -12.54 2.56 3.02
C PHE A 397 -13.77 3.27 3.59
N SER A 398 -13.83 4.61 3.51
CA SER A 398 -14.98 5.34 4.00
C SER A 398 -16.22 4.97 3.18
N ARG A 399 -16.34 5.39 1.90
CA ARG A 399 -17.52 5.07 1.09
C ARG A 399 -17.83 3.57 1.25
N SER A 400 -16.85 2.67 1.13
CA SER A 400 -17.04 1.26 1.29
C SER A 400 -17.70 0.86 2.62
N ALA A 401 -17.24 1.44 3.75
CA ALA A 401 -17.87 1.22 5.05
C ALA A 401 -19.33 1.70 5.08
N VAL A 402 -19.60 2.90 4.52
CA VAL A 402 -20.94 3.49 4.36
C VAL A 402 -21.84 2.61 3.49
N ASN A 403 -21.32 2.11 2.37
CA ASN A 403 -21.99 1.19 1.47
C ASN A 403 -22.33 -0.13 2.14
N GLU A 404 -21.43 -0.67 2.98
CA GLU A 404 -21.68 -1.90 3.73
C GLU A 404 -22.67 -1.68 4.88
N SER A 405 -22.46 -0.65 5.73
CA SER A 405 -23.31 -0.38 6.89
C SER A 405 -24.75 -0.06 6.50
N ALA A 406 -24.97 0.55 5.33
CA ALA A 406 -26.29 0.77 4.73
C ALA A 406 -26.95 -0.53 4.25
N GLY A 407 -26.13 -1.56 3.97
CA GLY A 407 -26.60 -2.89 3.58
C GLY A 407 -26.35 -3.16 2.08
N GLY A 408 -25.12 -2.84 1.66
CA GLY A 408 -24.67 -3.11 0.30
C GLY A 408 -24.31 -4.58 0.22
N LYS A 409 -24.80 -5.26 -0.82
CA LYS A 409 -24.58 -6.69 -0.97
C LYS A 409 -23.82 -7.01 -2.24
N THR A 410 -24.05 -6.23 -3.31
CA THR A 410 -23.38 -6.43 -4.60
C THR A 410 -22.91 -5.08 -5.18
N GLN A 411 -22.44 -5.12 -6.44
CA GLN A 411 -22.11 -3.90 -7.20
C GLN A 411 -23.35 -3.22 -7.80
N VAL A 412 -24.55 -3.77 -7.54
CA VAL A 412 -25.80 -3.08 -7.81
C VAL A 412 -25.83 -1.76 -7.05
N ALA A 413 -25.24 -1.72 -5.85
CA ALA A 413 -25.22 -0.51 -5.05
C ALA A 413 -24.43 0.58 -5.78
N GLY A 414 -23.31 0.20 -6.42
CA GLY A 414 -22.48 1.10 -7.19
C GLY A 414 -23.22 1.70 -8.40
N ILE A 415 -23.92 0.85 -9.15
CA ILE A 415 -24.80 1.26 -10.24
C ILE A 415 -25.89 2.23 -9.75
N VAL A 416 -26.58 1.94 -8.62
CA VAL A 416 -27.60 2.81 -8.04
C VAL A 416 -27.07 4.21 -7.69
N ALA A 417 -25.96 4.26 -6.93
CA ALA A 417 -25.29 5.50 -6.56
C ALA A 417 -24.94 6.30 -7.80
N ALA A 418 -24.49 5.64 -8.89
CA ALA A 418 -24.11 6.35 -10.09
C ALA A 418 -25.31 6.95 -10.80
N LEU A 419 -26.46 6.30 -10.72
CA LEU A 419 -27.66 6.92 -11.24
C LEU A 419 -28.08 8.17 -10.42
N VAL A 420 -27.90 8.21 -9.09
CA VAL A 420 -28.09 9.41 -8.27
C VAL A 420 -27.21 10.62 -8.70
N VAL A 421 -25.91 10.40 -8.84
CA VAL A 421 -25.01 11.39 -9.42
C VAL A 421 -25.43 11.77 -10.85
N LEU A 422 -25.99 10.83 -11.64
CA LEU A 422 -26.40 11.11 -13.01
C LEU A 422 -27.53 12.13 -13.04
N LEU A 423 -28.61 11.91 -12.24
CA LEU A 423 -29.72 12.84 -12.17
C LEU A 423 -29.30 14.22 -11.62
N VAL A 424 -28.35 14.32 -10.68
CA VAL A 424 -27.76 15.62 -10.32
C VAL A 424 -26.87 16.28 -11.40
N LEU A 425 -26.07 15.53 -12.18
CA LEU A 425 -25.34 16.07 -13.33
C LEU A 425 -26.31 16.73 -14.32
N LEU A 426 -27.41 16.01 -14.64
CA LEU A 426 -28.35 16.41 -15.68
C LEU A 426 -29.20 17.58 -15.20
N PHE A 427 -30.01 17.38 -14.14
CA PHE A 427 -31.05 18.32 -13.72
C PHE A 427 -30.53 19.34 -12.70
N LEU A 428 -30.20 18.91 -11.46
CA LEU A 428 -29.95 19.81 -10.33
C LEU A 428 -28.85 20.82 -10.67
N GLY A 429 -27.66 20.34 -11.02
CA GLY A 429 -26.63 21.10 -11.71
C GLY A 429 -26.34 22.46 -11.09
N PRO A 430 -26.70 23.58 -11.76
CA PRO A 430 -26.23 24.90 -11.35
C PRO A 430 -26.91 25.56 -10.16
N LEU A 431 -27.74 24.83 -9.38
CA LEU A 431 -28.19 25.29 -8.07
C LEU A 431 -27.03 25.40 -7.07
N PHE A 432 -25.88 24.75 -7.34
CA PHE A 432 -24.68 24.84 -6.53
C PHE A 432 -23.77 25.98 -7.00
N TYR A 433 -24.38 27.07 -7.49
CA TYR A 433 -23.63 28.25 -7.86
C TYR A 433 -23.20 28.99 -6.60
N TYR A 434 -24.15 29.19 -5.67
CA TYR A 434 -23.93 30.00 -4.49
C TYR A 434 -23.34 29.21 -3.31
N LEU A 435 -22.83 27.98 -3.55
CA LEU A 435 -22.17 27.16 -2.54
C LEU A 435 -20.83 27.76 -2.21
N PRO A 436 -20.59 28.22 -0.95
CA PRO A 436 -19.30 28.80 -0.57
C PRO A 436 -18.23 27.73 -0.53
N LYS A 437 -17.00 28.02 -0.96
CA LYS A 437 -15.98 27.00 -1.03
C LYS A 437 -15.60 26.57 0.39
N ALA A 438 -15.89 27.40 1.41
CA ALA A 438 -15.61 27.01 2.78
C ALA A 438 -16.41 25.79 3.23
N VAL A 439 -17.65 25.63 2.80
CA VAL A 439 -18.44 24.45 3.16
C VAL A 439 -17.85 23.19 2.51
N LEU A 440 -17.33 23.26 1.30
CA LEU A 440 -16.53 22.17 0.72
C LEU A 440 -15.27 21.83 1.51
N ALA A 441 -14.45 22.79 1.90
CA ALA A 441 -13.30 22.55 2.78
C ALA A 441 -13.69 21.90 4.10
N ALA A 442 -14.75 22.35 4.75
CA ALA A 442 -15.20 21.72 5.96
C ALA A 442 -15.60 20.26 5.76
N ILE A 443 -16.30 19.94 4.66
CA ILE A 443 -16.60 18.55 4.36
C ILE A 443 -15.32 17.72 4.22
N ILE A 444 -14.33 18.17 3.46
CA ILE A 444 -13.05 17.50 3.37
C ILE A 444 -12.37 17.29 4.74
N ILE A 445 -12.29 18.27 5.63
CA ILE A 445 -11.74 18.09 6.99
C ILE A 445 -12.53 17.05 7.84
N VAL A 446 -13.86 17.13 7.99
CA VAL A 446 -14.58 16.04 8.66
C VAL A 446 -14.50 14.64 8.01
N ASN A 447 -14.13 14.49 6.73
CA ASN A 447 -13.94 13.16 6.14
C ASN A 447 -12.56 12.62 6.42
N LEU A 448 -11.66 13.52 6.77
CA LEU A 448 -10.23 13.24 6.92
C LEU A 448 -9.97 12.64 8.30
N LYS A 449 -11.00 12.61 9.18
CA LYS A 449 -10.92 11.97 10.49
C LYS A 449 -10.36 10.58 10.32
N GLY A 450 -10.95 9.81 9.40
CA GLY A 450 -10.52 8.46 9.07
C GLY A 450 -9.00 8.32 9.07
N LEU A 451 -8.39 9.05 8.17
CA LEU A 451 -6.99 8.87 7.96
C LEU A 451 -6.19 9.46 9.11
N LEU A 452 -6.71 10.48 9.84
CA LEU A 452 -5.88 11.03 10.93
C LEU A 452 -5.91 10.11 12.14
N MET A 453 -6.93 9.26 12.32
CA MET A 453 -6.97 8.35 13.45
C MET A 453 -5.99 7.18 13.27
N GLN A 454 -5.14 7.23 12.28
CA GLN A 454 -4.26 6.12 12.06
C GLN A 454 -2.97 6.43 12.80
N PHE A 455 -2.88 7.60 13.42
CA PHE A 455 -1.72 7.86 14.23
C PHE A 455 -1.74 6.89 15.44
N LYS A 456 -2.91 6.30 15.75
CA LYS A 456 -3.01 5.23 16.71
C LYS A 456 -2.12 4.01 16.41
N ASP A 457 -1.58 3.91 15.21
CA ASP A 457 -0.85 2.73 14.75
C ASP A 457 0.63 2.89 15.02
N ALA A 458 1.10 4.08 15.39
CA ALA A 458 2.54 4.24 15.56
C ALA A 458 2.89 3.69 16.94
N PRO A 459 2.16 3.97 18.02
CA PRO A 459 2.39 3.24 19.24
C PRO A 459 2.18 1.71 19.16
N LYS A 460 1.09 1.20 18.58
CA LYS A 460 0.94 -0.25 18.43
C LYS A 460 2.19 -0.96 17.82
N LEU A 461 2.64 -0.50 16.64
CA LEU A 461 3.82 -1.02 16.00
C LEU A 461 5.00 -0.88 16.93
N TRP A 462 5.04 0.21 17.71
CA TRP A 462 6.25 0.48 18.48
C TRP A 462 6.48 -0.65 19.45
N LYS A 463 5.37 -1.04 20.13
CA LYS A 463 5.37 -2.06 21.17
C LYS A 463 5.89 -3.37 20.61
N VAL A 464 5.15 -3.93 19.63
CA VAL A 464 5.54 -5.20 18.97
C VAL A 464 6.84 -5.24 18.16
N ASP A 465 6.87 -4.59 16.97
CA ASP A 465 8.04 -4.63 16.07
C ASP A 465 8.61 -3.23 15.73
N LYS A 466 9.86 -2.94 16.09
CA LYS A 466 10.39 -1.61 15.85
C LYS A 466 10.77 -1.36 14.39
N LEU A 467 11.32 -2.30 13.65
CA LEU A 467 11.34 -2.17 12.22
C LEU A 467 9.97 -1.94 11.51
N ASP A 468 8.84 -2.50 11.97
CA ASP A 468 7.55 -2.15 11.37
C ASP A 468 7.11 -0.75 11.75
N PHE A 469 7.43 -0.28 12.96
CA PHE A 469 7.29 1.13 13.34
C PHE A 469 8.18 2.07 12.57
N LEU A 470 9.40 1.69 12.17
CA LEU A 470 10.18 2.56 11.28
C LEU A 470 9.60 2.61 9.89
N ILE A 471 9.03 1.52 9.37
CA ILE A 471 8.48 1.69 8.04
C ILE A 471 7.44 2.81 8.08
N TRP A 472 6.62 2.80 9.14
CA TRP A 472 5.55 3.74 9.34
C TRP A 472 6.12 5.15 9.48
N LEU A 473 7.11 5.36 10.30
CA LEU A 473 7.65 6.69 10.48
C LEU A 473 8.40 7.19 9.26
N VAL A 474 9.38 6.47 8.73
CA VAL A 474 10.04 6.92 7.51
C VAL A 474 9.00 7.35 6.43
N THR A 475 7.99 6.56 6.12
CA THR A 475 7.05 6.92 5.10
C THR A 475 6.29 8.18 5.50
N PHE A 476 5.80 8.26 6.72
CA PHE A 476 5.05 9.44 7.13
C PHE A 476 5.87 10.72 7.12
N LEU A 477 7.12 10.68 7.61
CA LEU A 477 7.95 11.88 7.62
C LEU A 477 8.31 12.23 6.20
N GLY A 478 8.74 11.25 5.40
CA GLY A 478 8.97 11.40 3.97
C GLY A 478 7.81 12.06 3.23
N VAL A 479 6.56 11.82 3.63
CA VAL A 479 5.44 12.42 2.92
C VAL A 479 5.13 13.83 3.39
N VAL A 480 5.19 14.09 4.71
CA VAL A 480 4.93 15.40 5.26
C VAL A 480 6.10 16.33 4.87
N PHE A 481 7.32 15.96 5.27
CA PHE A 481 8.44 16.90 5.18
C PHE A 481 9.34 16.61 3.99
N LEU A 482 8.86 15.89 2.94
CA LEU A 482 9.37 16.06 1.57
C LEU A 482 8.16 15.99 0.62
N SER A 483 8.31 15.37 -0.58
CA SER A 483 7.21 15.28 -1.53
C SER A 483 6.34 14.11 -1.18
N VAL A 484 5.10 13.97 -1.74
CA VAL A 484 4.20 12.81 -1.55
C VAL A 484 4.55 11.63 -2.46
N GLU A 485 5.01 11.88 -3.68
CA GLU A 485 5.72 10.88 -4.47
C GLU A 485 6.99 10.33 -3.76
N ILE A 486 7.90 11.20 -3.31
CA ILE A 486 9.20 10.80 -2.76
C ILE A 486 8.97 10.06 -1.45
N GLY A 487 7.94 10.46 -0.69
CA GLY A 487 7.61 9.80 0.57
C GLY A 487 7.35 8.34 0.29
N LEU A 488 6.47 8.04 -0.67
CA LEU A 488 6.11 6.71 -1.11
C LEU A 488 7.33 5.94 -1.56
N LEU A 489 8.16 6.50 -2.44
CA LEU A 489 9.38 5.83 -2.86
C LEU A 489 10.33 5.46 -1.69
N VAL A 490 10.68 6.39 -0.81
CA VAL A 490 11.59 6.15 0.29
C VAL A 490 10.98 5.11 1.23
N GLY A 491 9.68 5.24 1.55
CA GLY A 491 8.95 4.29 2.37
C GLY A 491 9.10 2.87 1.82
N VAL A 492 8.84 2.71 0.53
CA VAL A 492 8.89 1.39 -0.08
C VAL A 492 10.30 0.79 -0.07
N GLY A 493 11.29 1.62 -0.33
CA GLY A 493 12.63 1.13 -0.27
C GLY A 493 12.94 0.67 1.13
N PHE A 494 12.67 1.48 2.15
CA PHE A 494 12.95 1.09 3.53
C PHE A 494 12.24 -0.24 3.89
N SER A 495 11.00 -0.41 3.43
CA SER A 495 10.18 -1.58 3.65
C SER A 495 10.93 -2.79 3.14
N LEU A 496 11.59 -2.69 1.98
CA LEU A 496 12.26 -3.84 1.37
C LEU A 496 13.55 -4.17 2.09
N LEU A 497 14.20 -3.13 2.55
CA LEU A 497 15.47 -3.27 3.20
C LEU A 497 15.24 -3.94 4.57
N THR A 498 14.12 -3.70 5.25
CA THR A 498 13.90 -4.34 6.54
C THR A 498 13.97 -5.87 6.45
N VAL A 499 13.60 -6.52 5.34
CA VAL A 499 13.75 -7.97 5.24
C VAL A 499 15.22 -8.36 5.29
N LEU A 500 16.10 -7.71 4.52
CA LEU A 500 17.55 -7.91 4.65
C LEU A 500 18.03 -7.64 6.07
N LEU A 501 17.67 -6.54 6.73
CA LEU A 501 18.12 -6.33 8.10
C LEU A 501 17.67 -7.44 9.09
N ARG A 502 16.66 -8.24 8.74
CA ARG A 502 16.15 -9.29 9.61
C ARG A 502 16.99 -10.54 9.45
N THR A 503 17.56 -10.71 8.25
CA THR A 503 18.20 -11.93 7.83
C THR A 503 19.72 -11.74 7.73
N GLN A 504 20.27 -10.66 8.28
CA GLN A 504 21.64 -10.39 7.89
C GLN A 504 22.61 -10.76 9.03
N ARG A 505 22.09 -11.04 10.22
CA ARG A 505 22.95 -11.49 11.30
C ARG A 505 22.18 -12.61 11.97
N PRO A 506 21.95 -13.70 11.23
CA PRO A 506 21.10 -14.80 11.71
C PRO A 506 21.66 -15.53 12.92
N ARG A 507 20.96 -16.57 13.39
CA ARG A 507 21.16 -17.10 14.74
C ARG A 507 21.79 -18.46 14.52
N THR A 508 23.10 -18.51 14.76
CA THR A 508 23.95 -19.65 14.53
C THR A 508 24.07 -20.31 15.89
N SER A 509 24.41 -21.59 15.94
CA SER A 509 24.31 -22.37 17.15
C SER A 509 25.27 -23.53 17.05
N VAL A 510 25.79 -24.06 18.15
CA VAL A 510 26.37 -25.38 18.08
C VAL A 510 25.51 -26.32 18.91
N LEU A 511 25.18 -27.46 18.30
CA LEU A 511 24.15 -28.34 18.77
C LEU A 511 24.84 -29.50 19.42
N GLY A 512 24.18 -30.03 20.46
CA GLY A 512 24.55 -31.29 21.09
C GLY A 512 23.31 -32.15 21.32
N ARG A 513 23.54 -33.45 21.58
CA ARG A 513 22.52 -34.49 21.78
C ARG A 513 21.96 -34.39 23.19
N ILE A 514 20.62 -34.32 23.33
CA ILE A 514 19.97 -34.41 24.65
C ILE A 514 20.21 -35.83 25.17
N PRO A 515 20.71 -36.07 26.41
CA PRO A 515 21.09 -37.43 26.82
C PRO A 515 19.88 -38.38 26.85
N GLY A 516 20.04 -39.60 26.30
CA GLY A 516 18.97 -40.59 26.27
C GLY A 516 17.86 -40.28 25.25
N THR A 517 18.06 -39.25 24.40
CA THR A 517 17.17 -38.89 23.29
C THR A 517 18.04 -38.70 22.05
N ASP A 518 17.50 -39.01 20.86
CA ASP A 518 18.22 -38.84 19.60
C ASP A 518 17.79 -37.53 18.94
N ILE A 519 17.54 -36.48 19.75
CA ILE A 519 17.39 -35.11 19.28
C ILE A 519 18.60 -34.27 19.72
N TYR A 520 18.95 -33.24 18.92
CA TYR A 520 20.10 -32.36 19.13
C TYR A 520 19.60 -30.92 19.23
N ARG A 521 20.01 -30.14 20.24
CA ARG A 521 19.57 -28.74 20.33
C ARG A 521 20.73 -27.93 20.87
N ASP A 522 20.52 -26.58 20.93
CA ASP A 522 21.61 -25.63 21.21
C ASP A 522 22.24 -25.99 22.55
N VAL A 523 23.55 -25.95 22.69
CA VAL A 523 24.15 -26.31 23.96
C VAL A 523 24.19 -25.14 24.92
N LYS A 524 24.03 -23.90 24.46
CA LYS A 524 23.97 -22.76 25.36
C LYS A 524 22.58 -22.65 25.98
N GLN A 525 21.54 -22.90 25.17
CA GLN A 525 20.18 -22.60 25.55
C GLN A 525 19.58 -23.79 26.30
N TYR A 526 20.08 -25.00 25.98
CA TYR A 526 19.68 -26.24 26.65
C TYR A 526 20.94 -26.86 27.25
N PRO A 527 21.35 -26.45 28.47
CA PRO A 527 22.56 -26.97 29.12
C PRO A 527 22.62 -28.48 29.33
N GLU A 528 21.45 -29.15 29.24
CA GLU A 528 21.30 -30.60 29.25
C GLU A 528 22.14 -31.28 28.16
N ALA A 529 22.19 -30.67 26.95
CA ALA A 529 22.73 -31.28 25.73
C ALA A 529 24.25 -31.38 25.80
N GLU A 530 24.79 -32.55 25.43
CA GLU A 530 26.24 -32.76 25.38
C GLU A 530 26.69 -32.96 23.95
N GLU A 531 27.84 -32.38 23.62
CA GLU A 531 28.47 -32.58 22.33
C GLU A 531 28.89 -34.04 22.21
N VAL A 532 28.79 -34.60 20.98
CA VAL A 532 29.32 -35.90 20.62
C VAL A 532 30.84 -35.84 20.40
N PRO A 533 31.61 -36.83 20.90
CA PRO A 533 33.04 -36.88 20.66
C PRO A 533 33.42 -37.03 19.19
N GLY A 534 34.26 -36.12 18.69
CA GLY A 534 34.80 -36.16 17.34
C GLY A 534 33.94 -35.44 16.29
N VAL A 535 32.72 -35.05 16.66
CA VAL A 535 31.71 -34.54 15.75
C VAL A 535 31.21 -33.19 16.26
N LYS A 536 31.46 -32.14 15.46
CA LYS A 536 31.06 -30.77 15.78
C LYS A 536 29.89 -30.43 14.89
N ILE A 537 28.74 -30.11 15.45
CA ILE A 537 27.51 -29.93 14.67
C ILE A 537 27.13 -28.46 14.78
N PHE A 538 26.86 -27.79 13.67
CA PHE A 538 26.61 -26.35 13.70
C PHE A 538 25.33 -26.14 12.92
N ARG A 539 24.52 -25.16 13.30
CA ARG A 539 23.25 -24.95 12.65
C ARG A 539 23.00 -23.45 12.46
N ILE A 540 22.96 -22.95 11.20
CA ILE A 540 22.45 -21.61 10.87
C ILE A 540 20.97 -21.68 10.56
N ASP A 541 20.28 -20.62 10.97
CA ASP A 541 18.83 -20.52 11.01
C ASP A 541 18.52 -19.34 10.15
N SER A 542 18.76 -19.50 8.83
CA SER A 542 18.49 -18.48 7.83
C SER A 542 18.79 -18.99 6.44
N PRO A 543 18.43 -18.27 5.38
CA PRO A 543 19.07 -18.46 4.09
C PRO A 543 20.54 -18.08 4.15
N ILE A 544 21.33 -18.69 3.29
CA ILE A 544 22.70 -18.30 3.13
C ILE A 544 22.71 -17.62 1.78
N TYR A 545 22.72 -16.28 1.82
CA TYR A 545 22.74 -15.48 0.62
C TYR A 545 23.74 -14.36 0.73
N PHE A 546 23.74 -13.42 -0.22
CA PHE A 546 24.75 -12.39 -0.33
C PHE A 546 24.85 -11.56 0.98
N ALA A 547 23.69 -11.32 1.66
CA ALA A 547 23.60 -10.44 2.81
C ALA A 547 24.27 -11.01 4.04
N ASN A 548 24.18 -12.33 4.22
CA ASN A 548 24.65 -12.91 5.45
C ASN A 548 25.70 -13.99 5.28
N SER A 549 26.56 -13.99 4.24
CA SER A 549 27.32 -15.22 3.95
C SER A 549 28.73 -15.15 4.52
N GLU A 550 29.33 -13.94 4.49
CA GLU A 550 30.57 -13.65 5.20
C GLU A 550 30.35 -13.87 6.69
N TYR A 551 29.24 -13.38 7.25
CA TYR A 551 28.88 -13.61 8.62
C TYR A 551 28.84 -15.10 8.97
N PHE A 552 28.20 -15.86 8.14
CA PHE A 552 28.11 -17.26 8.43
C PHE A 552 29.49 -17.83 8.57
N LYS A 553 30.41 -17.51 7.68
CA LYS A 553 31.68 -18.20 7.63
C LYS A 553 32.49 -17.75 8.84
N GLU A 554 32.49 -16.46 9.18
CA GLU A 554 32.99 -15.98 10.47
C GLU A 554 32.43 -16.76 11.67
N ARG A 555 31.11 -16.84 11.84
CA ARG A 555 30.57 -17.45 13.03
C ARG A 555 30.86 -18.93 13.02
N LEU A 556 31.12 -19.55 11.86
CA LEU A 556 31.39 -20.98 11.85
C LEU A 556 32.79 -21.17 12.43
N LYS A 557 33.70 -20.30 12.09
CA LYS A 557 35.05 -20.45 12.56
C LYS A 557 35.16 -20.00 14.03
N ARG A 558 34.19 -19.25 14.57
CA ARG A 558 34.27 -18.73 15.93
C ARG A 558 33.59 -19.66 16.93
N LYS A 559 32.43 -20.24 16.55
CA LYS A 559 31.70 -21.15 17.43
C LYS A 559 32.20 -22.61 17.32
N THR A 560 32.76 -23.04 16.20
CA THR A 560 33.48 -24.31 16.20
C THR A 560 34.88 -24.19 16.82
N GLY A 561 35.38 -22.96 17.03
CA GLY A 561 36.66 -22.73 17.68
C GLY A 561 37.90 -23.14 16.86
N VAL A 562 37.73 -23.33 15.54
CA VAL A 562 38.81 -23.72 14.64
C VAL A 562 38.77 -22.84 13.40
N ASP A 563 39.90 -22.27 12.95
CA ASP A 563 40.00 -21.62 11.64
C ASP A 563 40.79 -22.55 10.76
N PRO A 564 40.22 -23.24 9.79
CA PRO A 564 41.00 -24.18 9.03
C PRO A 564 42.17 -23.58 8.23
N VAL A 565 42.16 -22.31 7.76
CA VAL A 565 43.32 -21.82 7.01
C VAL A 565 44.51 -21.52 7.94
N LYS A 566 44.24 -21.01 9.16
CA LYS A 566 45.28 -20.77 10.15
C LYS A 566 45.89 -22.10 10.61
N VAL A 567 45.05 -23.11 10.77
CA VAL A 567 45.52 -24.43 11.16
C VAL A 567 46.38 -25.01 10.07
N LEU A 568 46.02 -24.84 8.80
CA LEU A 568 46.87 -25.37 7.74
C LEU A 568 48.21 -24.64 7.71
N ALA A 569 48.22 -23.31 7.93
CA ALA A 569 49.43 -22.50 7.97
C ALA A 569 50.41 -22.98 9.06
N ALA A 570 49.91 -23.15 10.30
CA ALA A 570 50.68 -23.71 11.42
C ALA A 570 51.23 -25.11 11.14
N ARG A 571 50.41 -26.01 10.60
CA ARG A 571 50.85 -27.34 10.18
C ARG A 571 52.00 -27.25 9.17
N LYS A 572 51.87 -26.44 8.10
CA LYS A 572 52.89 -26.32 7.06
C LYS A 572 54.18 -25.71 7.62
N LYS A 573 54.09 -24.63 8.43
CA LYS A 573 55.22 -24.00 9.11
C LYS A 573 55.98 -25.04 9.94
N ALA A 574 55.30 -25.80 10.80
CA ALA A 574 55.91 -26.88 11.61
C ALA A 574 56.57 -27.96 10.76
N LEU A 575 55.96 -28.35 9.62
CA LEU A 575 56.48 -29.42 8.78
C LEU A 575 57.68 -28.97 7.96
N LYS A 576 57.74 -27.69 7.53
CA LYS A 576 58.89 -27.18 6.76
C LYS A 576 60.06 -26.78 7.68
N LYS A 577 59.81 -26.57 8.99
CA LYS A 577 60.85 -26.35 10.00
C LYS A 577 61.53 -27.66 10.42
N ILE A 578 60.81 -28.80 10.31
CA ILE A 578 61.31 -30.11 10.71
C ILE A 578 61.80 -30.89 9.48
N VAL A 637 42.83 -29.28 16.46
CA VAL A 637 41.34 -29.40 16.27
C VAL A 637 40.82 -30.57 17.10
N ASP A 638 39.55 -30.42 17.55
CA ASP A 638 38.88 -31.36 18.44
C ASP A 638 38.22 -32.48 17.63
N PHE A 639 37.81 -32.16 16.40
CA PHE A 639 36.83 -32.95 15.69
C PHE A 639 37.42 -33.52 14.41
N HIS A 640 36.79 -34.58 13.87
CA HIS A 640 37.08 -35.18 12.57
C HIS A 640 35.94 -35.00 11.57
N THR A 641 34.82 -34.38 11.98
CA THR A 641 33.61 -34.28 11.20
C THR A 641 32.79 -33.07 11.63
N LEU A 642 32.53 -32.15 10.68
CA LEU A 642 31.64 -31.02 10.89
C LEU A 642 30.36 -31.35 10.16
N ILE A 643 29.24 -31.32 10.86
CA ILE A 643 27.93 -31.56 10.29
C ILE A 643 27.23 -30.23 10.33
N LEU A 644 26.90 -29.73 9.16
CA LEU A 644 26.12 -28.52 9.06
C LEU A 644 24.63 -28.96 8.94
N ASP A 645 23.78 -28.52 9.84
CA ASP A 645 22.37 -28.79 9.82
C ASP A 645 21.69 -27.70 8.98
N PHE A 646 21.22 -28.07 7.79
CA PHE A 646 20.68 -27.09 6.88
C PHE A 646 19.15 -27.12 6.85
N SER A 647 18.54 -27.48 7.98
CA SER A 647 17.09 -27.57 8.09
C SER A 647 16.40 -26.20 7.93
N ALA A 648 17.04 -25.14 8.40
CA ALA A 648 16.47 -23.82 8.27
C ALA A 648 17.04 -23.01 7.13
N VAL A 649 17.95 -23.55 6.30
CA VAL A 649 18.38 -22.87 5.08
C VAL A 649 17.26 -22.97 4.02
N SER A 650 16.44 -21.95 3.93
CA SER A 650 15.30 -21.90 3.07
C SER A 650 15.83 -21.93 1.63
N PHE A 651 16.78 -21.04 1.34
CA PHE A 651 17.39 -21.02 0.05
C PHE A 651 18.88 -20.73 0.18
N VAL A 652 19.61 -20.99 -0.90
CA VAL A 652 20.99 -20.62 -1.07
C VAL A 652 20.95 -19.83 -2.38
N ASP A 653 21.69 -18.73 -2.49
CA ASP A 653 21.91 -18.10 -3.77
C ASP A 653 23.34 -18.35 -4.30
N THR A 654 23.74 -17.62 -5.33
CA THR A 654 25.06 -17.80 -5.91
C THR A 654 26.22 -17.60 -4.94
N VAL A 655 26.21 -16.53 -4.13
CA VAL A 655 27.28 -16.26 -3.16
C VAL A 655 27.31 -17.33 -2.09
N GLY A 656 26.14 -17.86 -1.80
CA GLY A 656 25.92 -18.89 -0.86
C GLY A 656 26.66 -20.13 -1.31
N VAL A 657 26.52 -20.51 -2.55
CA VAL A 657 27.08 -21.77 -2.98
C VAL A 657 28.60 -21.59 -2.95
N LYS A 658 29.09 -20.39 -3.33
CA LYS A 658 30.53 -20.16 -3.32
C LYS A 658 31.03 -20.25 -1.88
N THR A 659 30.29 -19.67 -0.91
CA THR A 659 30.77 -19.71 0.46
C THR A 659 30.79 -21.13 1.01
N LEU A 660 29.80 -21.92 0.67
CA LEU A 660 29.83 -23.30 1.12
C LEU A 660 30.91 -24.05 0.39
N LYS A 661 31.19 -23.77 -0.90
CA LYS A 661 32.34 -24.42 -1.51
C LYS A 661 33.59 -24.15 -0.66
N GLU A 662 33.86 -22.87 -0.33
CA GLU A 662 35.05 -22.50 0.40
C GLU A 662 35.12 -23.28 1.71
N ILE A 663 34.06 -23.31 2.50
CA ILE A 663 34.12 -23.93 3.82
C ILE A 663 34.52 -25.38 3.64
N VAL A 664 33.91 -26.07 2.69
CA VAL A 664 34.17 -27.51 2.55
C VAL A 664 35.61 -27.72 2.14
N LYS A 665 36.11 -26.92 1.15
CA LYS A 665 37.50 -27.07 0.68
C LYS A 665 38.52 -26.84 1.80
N GLU A 666 38.35 -25.77 2.61
CA GLU A 666 39.24 -25.51 3.74
C GLU A 666 39.25 -26.64 4.77
N TYR A 667 38.08 -27.20 5.07
CA TYR A 667 38.03 -28.23 6.08
C TYR A 667 38.41 -29.59 5.50
N ARG A 668 38.35 -29.80 4.17
CA ARG A 668 39.03 -30.95 3.56
C ARG A 668 40.56 -30.89 3.77
N GLU A 669 41.15 -29.69 3.66
CA GLU A 669 42.59 -29.48 3.75
C GLU A 669 43.16 -29.78 5.15
N ILE A 670 42.45 -29.44 6.25
CA ILE A 670 42.89 -29.90 7.56
C ILE A 670 42.35 -31.29 7.94
N GLY A 671 41.72 -32.01 6.99
CA GLY A 671 41.27 -33.39 7.15
C GLY A 671 40.03 -33.56 8.05
N VAL A 672 38.97 -32.83 7.73
CA VAL A 672 37.68 -32.86 8.42
C VAL A 672 36.58 -33.01 7.38
N GLN A 673 35.79 -34.10 7.45
CA GLN A 673 34.70 -34.34 6.51
C GLN A 673 33.56 -33.37 6.86
N VAL A 674 32.94 -32.77 5.84
CA VAL A 674 31.78 -31.93 6.03
C VAL A 674 30.57 -32.63 5.45
N TYR A 675 29.60 -32.92 6.30
CA TYR A 675 28.33 -33.52 5.96
C TYR A 675 27.26 -32.48 6.18
N LEU A 676 26.29 -32.53 5.31
CA LEU A 676 25.15 -31.67 5.34
C LEU A 676 24.04 -32.57 5.82
N ALA A 677 23.18 -32.11 6.68
CA ALA A 677 22.15 -32.93 7.22
C ALA A 677 20.88 -32.10 7.29
N GLY A 678 20.10 -32.13 6.26
CA GLY A 678 18.92 -31.32 6.42
C GLY A 678 18.37 -30.77 5.12
N CYS A 679 19.10 -30.95 3.97
CA CYS A 679 18.90 -29.93 2.94
C CYS A 679 17.59 -30.24 2.25
N ASN A 680 16.82 -29.17 1.94
CA ASN A 680 15.57 -29.31 1.18
C ASN A 680 15.92 -29.60 -0.27
N ALA A 681 14.92 -29.85 -1.12
CA ALA A 681 15.20 -30.37 -2.46
C ALA A 681 15.92 -29.30 -3.27
N SER A 682 15.35 -28.09 -3.23
CA SER A 682 15.81 -27.01 -4.05
C SER A 682 17.26 -26.62 -3.70
N VAL A 683 17.62 -26.54 -2.40
CA VAL A 683 18.99 -26.28 -1.99
C VAL A 683 19.92 -27.38 -2.47
N VAL A 684 19.55 -28.66 -2.43
CA VAL A 684 20.45 -29.62 -3.05
C VAL A 684 20.63 -29.46 -4.55
N GLU A 685 19.55 -29.22 -5.32
CA GLU A 685 19.64 -28.93 -6.75
C GLU A 685 20.49 -27.68 -7.02
N LYS A 686 20.33 -26.59 -6.25
CA LYS A 686 21.17 -25.45 -6.52
C LYS A 686 22.63 -25.80 -6.22
N LEU A 687 22.92 -26.55 -5.16
CA LEU A 687 24.32 -26.77 -4.81
C LEU A 687 24.88 -27.54 -5.97
N GLU A 688 24.06 -28.41 -6.60
CA GLU A 688 24.55 -29.32 -7.63
C GLU A 688 24.87 -28.57 -8.91
N ARG A 689 23.99 -27.63 -9.34
CA ARG A 689 24.19 -26.77 -10.53
C ARG A 689 25.41 -25.89 -10.35
N GLY A 690 25.52 -25.29 -9.16
CA GLY A 690 26.64 -24.47 -8.76
C GLY A 690 27.98 -25.18 -8.58
N GLY A 691 27.99 -26.52 -8.64
CA GLY A 691 29.23 -27.25 -8.75
C GLY A 691 29.85 -27.54 -7.38
N PHE A 692 28.98 -27.90 -6.43
CA PHE A 692 29.41 -28.09 -5.05
C PHE A 692 29.83 -29.51 -4.78
N PHE A 693 29.48 -30.38 -5.74
CA PHE A 693 29.51 -31.83 -5.58
C PHE A 693 30.62 -32.49 -6.40
N ASP A 694 31.82 -31.89 -6.39
CA ASP A 694 33.00 -32.49 -7.00
C ASP A 694 34.31 -32.19 -6.25
N ASP A 695 34.33 -31.17 -5.34
CA ASP A 695 35.55 -30.61 -4.77
C ASP A 695 35.95 -31.30 -3.45
N GLY A 696 35.43 -32.53 -3.23
CA GLY A 696 35.55 -33.23 -1.96
C GLY A 696 34.22 -33.87 -1.53
N ILE A 697 33.13 -33.08 -1.53
CA ILE A 697 31.81 -33.56 -1.17
C ILE A 697 31.13 -34.39 -2.29
N THR A 698 30.55 -35.52 -1.89
CA THR A 698 29.68 -36.35 -2.70
C THR A 698 28.25 -36.23 -2.20
N LYS A 699 27.25 -36.56 -3.03
CA LYS A 699 25.86 -36.56 -2.61
C LYS A 699 25.53 -37.65 -1.55
N GLU A 700 26.50 -38.49 -1.15
CA GLU A 700 26.30 -39.48 -0.10
C GLU A 700 26.64 -38.88 1.27
N HIS A 701 27.16 -37.65 1.29
CA HIS A 701 27.35 -36.88 2.50
C HIS A 701 26.18 -35.97 2.80
N LEU A 702 25.09 -36.09 2.06
CA LEU A 702 23.82 -35.47 2.33
C LEU A 702 23.00 -36.51 3.12
N PHE A 703 22.70 -36.21 4.40
CA PHE A 703 21.84 -36.99 5.26
C PHE A 703 20.52 -36.27 5.52
N LEU A 704 19.55 -36.97 6.15
CA LEU A 704 18.18 -36.50 6.34
C LEU A 704 18.02 -35.66 7.60
N SER A 705 18.72 -36.04 8.65
CA SER A 705 18.60 -35.46 9.97
C SER A 705 19.95 -35.51 10.64
N VAL A 706 20.14 -34.67 11.66
CA VAL A 706 21.47 -34.56 12.22
C VAL A 706 21.89 -35.91 12.78
N HIS A 707 20.91 -36.69 13.28
CA HIS A 707 21.18 -37.96 13.91
C HIS A 707 21.80 -38.91 12.90
N ASP A 708 21.23 -39.00 11.68
CA ASP A 708 21.64 -40.00 10.70
C ASP A 708 23.09 -39.76 10.24
N ALA A 709 23.45 -38.47 10.15
CA ALA A 709 24.80 -38.01 9.87
C ALA A 709 25.70 -38.35 11.05
N VAL A 710 25.19 -38.18 12.29
CA VAL A 710 26.05 -38.42 13.44
C VAL A 710 26.44 -39.86 13.49
N LEU A 711 25.45 -40.75 13.27
CA LEU A 711 25.67 -42.20 13.26
C LEU A 711 26.71 -42.54 12.21
N PHE A 712 26.53 -42.00 11.00
CA PHE A 712 27.39 -42.34 9.88
C PHE A 712 28.82 -41.87 10.17
N ALA A 713 28.94 -40.73 10.87
CA ALA A 713 30.22 -40.11 11.15
C ALA A 713 31.02 -40.98 12.11
N GLN A 714 30.39 -41.33 13.25
CA GLN A 714 30.92 -42.23 14.26
C GLN A 714 31.33 -43.57 13.64
N ALA A 715 30.47 -44.14 12.79
CA ALA A 715 30.68 -45.44 12.15
C ALA A 715 31.93 -45.44 11.26
N ARG A 716 32.06 -44.45 10.38
CA ARG A 716 33.23 -44.31 9.52
C ARG A 716 34.49 -44.26 10.39
N LYS A 717 34.43 -43.52 11.53
CA LYS A 717 35.57 -43.33 12.42
C LYS A 717 36.00 -44.67 13.03
N ALA A 718 35.03 -45.48 13.49
CA ALA A 718 35.28 -46.82 14.03
C ALA A 718 35.89 -47.78 12.98
N LEU A 719 35.25 -47.90 11.80
CA LEU A 719 35.69 -48.79 10.71
C LEU A 719 37.10 -48.44 10.18
N ALA A 720 37.53 -47.18 10.38
CA ALA A 720 38.86 -46.70 9.98
C ALA A 720 39.88 -46.87 11.12
N GLU A 721 39.43 -46.92 12.38
CA GLU A 721 40.28 -47.30 13.52
C GLU A 721 40.80 -48.73 13.36
N GLN A 722 40.05 -49.58 12.63
CA GLN A 722 40.51 -50.89 12.18
C GLN A 722 40.26 -51.04 10.67
S SO4 B . -8.28 3.85 2.95
O1 SO4 B . -8.73 4.11 4.29
O2 SO4 B . -7.47 2.65 2.91
O3 SO4 B . -9.42 3.69 2.06
O4 SO4 B . -7.48 4.97 2.56
C1 CLR C . 6.88 4.08 25.03
C2 CLR C . 6.76 3.12 26.22
C3 CLR C . 5.56 3.42 27.08
C4 CLR C . 4.29 3.48 26.26
C5 CLR C . 4.38 4.37 25.03
C6 CLR C . 3.39 5.22 24.74
C7 CLR C . 3.41 6.19 23.61
C8 CLR C . 4.43 5.80 22.53
C9 CLR C . 5.78 5.37 23.14
C10 CLR C . 5.61 4.18 24.13
C11 CLR C . 6.86 5.18 22.06
C12 CLR C . 7.02 6.37 21.09
C13 CLR C . 5.67 6.74 20.45
C14 CLR C . 4.66 6.98 21.60
C15 CLR C . 3.44 7.62 20.97
C16 CLR C . 4.00 8.37 19.76
C17 CLR C . 5.54 8.11 19.70
C18 CLR C . 5.19 5.61 19.51
C19 CLR C . 5.40 2.89 23.33
C20 CLR C . 6.06 8.31 18.27
C21 CLR C . 7.54 8.73 18.18
C22 CLR C . 5.12 9.31 17.54
C23 CLR C . 5.53 9.78 16.19
C24 CLR C . 4.45 10.55 15.48
C25 CLR C . 4.86 11.99 15.08
C26 CLR C . 4.55 12.96 16.20
C27 CLR C . 6.35 12.09 14.69
O1 CLR C . 5.43 2.40 28.11
C1 CLR D . -9.93 19.39 14.61
C2 CLR D . -8.49 19.90 14.38
C3 CLR D . -7.54 18.77 14.05
C4 CLR D . -8.04 18.02 12.84
C5 CLR D . -9.50 17.58 12.94
C6 CLR D . -9.82 16.34 12.60
C7 CLR D . -11.11 15.68 12.93
C8 CLR D . -12.26 16.67 13.05
C9 CLR D . -11.86 17.93 13.86
C10 CLR D . -10.53 18.62 13.41
C11 CLR D . -13.06 18.90 14.02
C12 CLR D . -14.37 18.24 14.50
C13 CLR D . -14.72 16.95 13.73
C14 CLR D . -13.45 16.07 13.77
C15 CLR D . -13.95 14.65 13.53
C16 CLR D . -14.98 14.66 14.64
C17 CLR D . -15.76 15.98 14.38
C18 CLR D . -15.14 17.30 12.29
C19 CLR D . -10.80 19.63 12.26
C20 CLR D . -17.10 15.74 13.67
C21 CLR D . -18.25 15.65 14.66
C22 CLR D . -17.09 14.48 12.78
C23 CLR D . -17.19 13.18 13.52
C24 CLR D . -16.72 12.02 12.71
C25 CLR D . -17.76 11.48 11.73
C26 CLR D . -19.13 11.39 12.38
C27 CLR D . -17.37 10.12 11.17
O1 CLR D . -6.23 19.31 13.79
C4 LBN E . -3.06 17.58 13.39
C7 LBN E . -1.67 17.91 12.88
C10 LBN E . -1.49 19.36 12.44
C13 LBN E . -0.05 19.79 12.29
C16 LBN E . 0.37 20.13 10.88
C25 LBN E . -6.17 8.87 20.14
C26 LBN E . -6.58 10.06 19.27
C27 LBN E . -5.63 10.40 18.09
C28 LBN E . -5.99 11.66 17.27
C29 LBN E . -4.84 12.23 16.43
C30 LBN E . -4.96 13.73 16.05
C31 LBN E . -4.36 14.14 14.71
C32 LBN E . -3.57 15.49 14.70
C33 LBN E . -3.42 16.09 13.36
C4 LBN F . -0.76 13.15 16.50
C7 LBN F . -0.87 11.83 17.23
C10 LBN F . 0.43 11.22 17.78
C13 LBN F . 0.28 10.04 18.75
C16 LBN F . -1.15 9.49 18.98
C19 LBN F . -1.63 9.40 20.41
C21 LBN F . -2.50 8.17 20.74
C25 LBN F . 3.48 20.43 10.12
C26 LBN F . 3.61 18.91 10.05
C27 LBN F . 2.99 18.17 11.21
C28 LBN F . 3.51 16.73 11.40
C29 LBN F . 3.42 16.22 12.81
C30 LBN F . 2.00 16.03 13.32
C31 LBN F . 1.91 15.22 14.59
C32 LBN F . 0.52 14.69 14.96
C33 LBN F . 0.58 13.51 15.92
C1 LBN G . 12.87 -19.66 -12.59
N1 LBN G . 13.69 -19.78 -8.27
P1 LBN G . 14.57 -21.53 -11.73
C2 LBN G . 12.82 -18.17 -12.89
C3 LBN G . 12.24 -17.87 -14.26
C4 LBN G . 18.32 -10.64 -23.25
C5 LBN G . 9.13 -6.14 -11.88
C6 LBN G . 15.18 -20.03 -8.43
O1 LBN G . 14.20 -20.00 -12.08
C7 LBN G . 17.46 -9.42 -23.08
C8 LBN G . 8.93 -4.83 -11.18
C9 LBN G . 15.74 -20.10 -9.83
O2 LBN G . 15.49 -21.40 -10.43
C10 LBN G . 17.92 -8.19 -23.82
C11 LBN G . 7.70 -4.08 -11.62
C12 LBN G . 13.43 -19.24 -6.90
O3 LBN G . 13.31 -22.23 -11.30
C13 LBN G . 16.82 -7.13 -23.98
C14 LBN G . 7.22 -2.93 -10.70
C15 LBN G . 12.92 -21.05 -8.43
O4 LBN G . 15.41 -22.11 -12.83
C16 LBN G . 17.28 -5.63 -24.05
C17 LBN G . 5.72 -2.87 -10.45
C18 LBN G . 13.20 -18.77 -9.26
C19 LBN G . 16.21 -4.50 -23.89
C20 LBN G . 5.16 -1.67 -9.61
C21 LBN G . 16.64 -2.98 -23.88
C22 LBN G . 4.87 -1.96 -8.11
C23 LBN G . 3.41 -2.00 -7.61
C24 LBN G . 2.57 -3.25 -7.96
C25 LBN G . 13.85 -16.48 -15.32
O5 LBN G . 12.66 -16.56 -14.72
C26 LBN G . 13.80 -15.84 -16.68
O6 LBN G . 14.85 -16.91 -14.84
C27 LBN G . 14.92 -14.86 -16.96
C28 LBN G . 15.00 -14.45 -18.43
C29 LBN G . 14.59 -13.02 -18.72
C30 LBN G . 15.61 -12.16 -19.49
C31 LBN G . 16.03 -12.69 -20.87
C32 LBN G . 16.43 -11.65 -21.89
C33 LBN G . 17.80 -11.84 -22.51
C34 LBN G . 11.85 -16.18 -11.87
O7 LBN G . 12.04 -17.52 -11.84
C35 LBN G . 10.55 -15.85 -11.19
O8 LBN G . 12.58 -15.37 -12.40
C36 LBN G . 10.53 -14.49 -10.52
C37 LBN G . 9.71 -13.46 -11.28
C38 LBN G . 10.44 -12.16 -11.62
C39 LBN G . 9.46 -11.06 -12.04
C40 LBN G . 9.38 -9.79 -11.22
C41 LBN G . 9.74 -8.57 -12.03
C42 LBN G . 9.53 -7.26 -11.34
C1 LBN H . 12.98 -9.32 -17.84
N1 LBN H . 9.38 -14.14 -16.10
P1 LBN H . 11.17 -10.72 -16.49
C2 LBN H . 13.79 -8.14 -17.35
C3 LBN H . 14.65 -7.57 -18.47
C4 LBN H . 12.95 2.45 -15.05
C5 LBN H . 13.25 0.57 -8.67
C6 LBN H . 10.14 -13.74 -17.35
O1 LBN H . 11.68 -9.37 -17.18
C7 LBN H . 12.99 3.92 -14.74
C8 LBN H . 13.88 1.69 -9.50
C9 LBN H . 11.56 -13.25 -17.22
O2 LBN H . 11.63 -11.82 -17.56
C10 LBN H . 12.99 4.82 -15.97
C11 LBN H . 14.36 2.94 -8.78
C12 LBN H . 8.17 -13.37 -16.07
O3 LBN H . 11.94 -10.90 -15.22
C13 LBN H . 13.16 6.28 -15.66
C14 LBN H . 13.49 4.21 -8.99
C15 LBN H . 10.12 -13.88 -14.79
O4 LBN H . 9.67 -10.67 -16.48
C16 LBN H . 12.85 7.22 -16.82
C17 LBN H . 13.76 5.04 -10.24
C18 LBN H . 8.95 -15.57 -16.18
C19 LBN H . 13.55 8.57 -16.76
C20 LBN H . 13.38 6.52 -10.09
C21 LBN H . 13.65 9.20 -15.38
C22 LBN H . 14.21 7.54 -10.88
C23 LBN H . 14.27 8.96 -10.28
C24 LBN H . 15.24 9.90 -10.98
C25 LBN H . 15.17 -5.30 -18.84
O5 LBN H . 14.22 -6.22 -18.77
C26 LBN H . 15.03 -4.28 -17.72
O6 LBN H . 16.06 -5.34 -19.64
C27 LBN H . 16.01 -3.09 -17.79
C28 LBN H . 15.77 -1.95 -16.77
C29 LBN H . 14.64 -2.17 -15.72
C30 LBN H . 13.56 -1.06 -15.73
C31 LBN H . 12.68 -0.96 -14.45
C32 LBN H . 11.76 0.29 -14.35
C33 LBN H . 12.42 1.59 -13.90
C34 LBN H . 12.58 -7.12 -15.47
O7 LBN H . 12.89 -7.12 -16.79
C35 LBN H . 12.41 -5.68 -15.00
O8 LBN H . 12.35 -8.12 -14.81
C36 LBN H . 13.20 -5.33 -13.74
C37 LBN H . 12.57 -4.20 -12.96
C38 LBN H . 13.50 -3.41 -12.07
C39 LBN H . 12.77 -2.51 -11.06
C40 LBN H . 12.68 -3.02 -9.61
C41 LBN H . 12.50 -1.94 -8.54
C42 LBN H . 13.42 -0.77 -8.80
C5 LBN I . 5.87 -13.46 -14.21
C8 LBN I . 5.38 -14.32 -15.37
C11 LBN I . 3.93 -14.79 -15.24
C14 LBN I . 3.57 -15.39 -13.88
C17 LBN I . 2.36 -16.33 -13.88
C20 LBN I . 2.20 -17.22 -12.55
C22 LBN I . 3.47 -17.41 -11.62
C23 LBN I . 3.35 -18.37 -10.38
C37 LBN I . 8.25 -7.28 -18.07
C38 LBN I . 7.79 -8.00 -16.81
C39 LBN I . 6.89 -9.23 -17.00
C40 LBN I . 7.23 -10.32 -16.05
C41 LBN I . 6.21 -11.41 -15.91
C42 LBN I . 6.20 -11.97 -14.49
C4 LBN J . -13.28 5.65 -26.70
C7 LBN J . -13.06 6.01 -28.17
C10 LBN J . -13.06 7.49 -28.48
C13 LBN J . -14.39 8.06 -28.95
C16 LBN J . -14.46 8.43 -30.42
C19 LBN J . -14.04 9.85 -30.74
C21 LBN J . -13.84 10.13 -32.22
C26 LBN J . -12.78 -1.31 -23.65
C27 LBN J . -12.23 -0.03 -24.24
C28 LBN J . -10.80 -0.16 -24.79
C29 LBN J . -10.09 1.16 -25.15
C30 LBN J . -10.83 2.05 -26.15
C31 LBN J . -11.35 3.38 -25.61
C32 LBN J . -12.88 3.47 -25.39
C33 LBN J . -13.67 4.21 -26.46
C4 LBN K . -1.30 3.43 -26.63
C7 LBN K . -0.17 4.35 -26.24
C10 LBN K . 1.02 3.66 -25.64
C13 LBN K . 1.75 4.45 -24.56
C16 LBN K . 2.16 5.88 -24.95
C19 LBN K . 3.06 6.06 -26.16
C21 LBN K . 3.40 7.50 -26.54
C25 LBN K . -6.14 7.34 -29.60
C26 LBN K . -5.50 6.07 -29.08
C27 LBN K . -6.24 5.46 -27.91
C28 LBN K . -7.09 4.23 -28.26
C29 LBN K . -6.65 2.88 -27.72
C30 LBN K . -6.00 2.88 -26.34
C31 LBN K . -4.49 2.62 -26.32
C32 LBN K . -3.68 3.18 -27.49
C33 LBN K . -2.57 4.13 -27.11
C4 LBN L . 22.51 5.43 -5.30
C7 LBN L . 21.82 6.69 -5.76
C10 LBN L . 22.45 7.29 -6.99
C13 LBN L . 21.63 8.46 -7.56
C16 LBN L . 20.78 9.22 -6.52
C19 LBN L . 19.40 9.61 -6.99
C21 LBN L . 19.35 10.06 -8.43
C27 LBN L . 19.60 7.65 -3.44
C28 LBN L . 20.36 6.72 -2.42
C29 LBN L . 20.12 5.18 -2.51
C30 LBN L . 21.26 4.15 -2.03
C31 LBN L . 22.04 3.38 -3.13
C32 LBN L . 21.35 3.21 -4.51
C33 LBN L . 21.84 4.11 -5.70
#